data_3NPG
#
_entry.id   3NPG
#
_cell.length_a   74.541
_cell.length_b   95.179
_cell.length_c   159.098
_cell.angle_alpha   90.000
_cell.angle_beta   90.000
_cell.angle_gamma   90.000
#
_symmetry.space_group_name_H-M   'P 21 21 21'
#
loop_
_entity.id
_entity.type
_entity.pdbx_description
1 polymer 'uncharacterized DUF364 family protein'
2 non-polymer 'ACETATE ION'
3 water water
#
_entity_poly.entity_id   1
_entity_poly.type   'polypeptide(L)'
_entity_poly.pdbx_seq_one_letter_code
;G(MSE)NG(MSE)LLSRIKKKA(MSE)ELAEDLKLVDFSFGLPYTWVLVEGIEGRALGVA(MSE)TLPEEVQRYTNSIEE
PSLLEFIDKADSLNIIERTLGVAAINAVSQYYIDLREAKWIDVTELIQQDEIKRIAIIGN(MSE)PPVVRTLKEKYEVYV
FERN(MSE)KLWDRDTYSDTLEYHILPEVDGIIASASCIVNGTLD(MSE)ILDRAKKAKLIVITGPTGQLLPEFLKGTKV
THLAS(MSE)KVTNIEKALVKLKLGSFKGFESESIKYVIEV
;
_entity_poly.pdbx_strand_id   A,B,C,D
#
# COMPACT_ATOMS: atom_id res chain seq x y z
N GLY A 1 -12.23 -25.04 7.24
CA GLY A 1 -11.38 -23.87 7.43
C GLY A 1 -11.55 -23.22 8.78
N ASN A 3 -14.11 -22.52 11.21
CA ASN A 3 -15.46 -22.92 11.60
C ASN A 3 -16.12 -22.00 12.62
N GLY A 4 -15.33 -21.10 13.21
CA GLY A 4 -15.83 -20.16 14.21
C GLY A 4 -16.48 -18.92 13.62
N LEU A 6 -18.93 -16.39 11.46
CA LEU A 6 -20.33 -16.27 11.11
C LEU A 6 -20.52 -16.77 9.65
N LEU A 7 -19.48 -16.56 8.82
CA LEU A 7 -19.47 -16.99 7.41
C LEU A 7 -19.47 -18.53 7.30
N SER A 8 -18.97 -19.23 8.35
CA SER A 8 -18.97 -20.69 8.38
C SER A 8 -20.39 -21.22 8.65
N ARG A 9 -21.20 -20.42 9.37
CA ARG A 9 -22.58 -20.79 9.68
C ARG A 9 -23.51 -20.44 8.52
N ILE A 10 -23.20 -19.33 7.80
CA ILE A 10 -23.98 -18.89 6.63
C ILE A 10 -23.84 -19.89 5.48
N LYS A 11 -22.60 -20.40 5.25
CA LYS A 11 -22.36 -21.37 4.17
C LYS A 11 -23.11 -22.69 4.39
N LYS A 12 -23.26 -23.12 5.67
CA LYS A 12 -24.00 -24.34 6.01
C LYS A 12 -25.47 -24.21 5.63
N LYS A 13 -26.06 -23.02 5.86
CA LYS A 13 -27.45 -22.74 5.50
C LYS A 13 -27.60 -22.62 3.98
N ALA A 14 -26.62 -21.97 3.32
CA ALA A 14 -26.63 -21.74 1.86
C ALA A 14 -26.47 -23.04 1.07
N GLU A 16 -27.64 -25.93 1.85
CA GLU A 16 -28.92 -26.64 1.90
C GLU A 16 -29.88 -26.06 0.83
N LEU A 17 -29.66 -24.79 0.43
CA LEU A 17 -30.50 -24.12 -0.57
C LEU A 17 -29.94 -24.28 -1.99
N ALA A 18 -28.66 -24.65 -2.11
CA ALA A 18 -28.00 -24.80 -3.40
C ALA A 18 -28.25 -26.19 -4.02
N GLU A 19 -29.11 -27.02 -3.38
CA GLU A 19 -29.40 -28.39 -3.82
C GLU A 19 -30.03 -28.42 -5.23
N ASP A 20 -30.99 -27.52 -5.49
CA ASP A 20 -31.69 -27.49 -6.78
C ASP A 20 -31.10 -26.44 -7.74
N LEU A 21 -29.91 -25.90 -7.43
CA LEU A 21 -29.24 -24.90 -8.27
C LEU A 21 -27.92 -25.44 -8.84
N LYS A 22 -27.56 -25.00 -10.06
CA LYS A 22 -26.33 -25.43 -10.72
C LYS A 22 -25.47 -24.24 -11.11
N LEU A 23 -24.14 -24.41 -11.11
CA LEU A 23 -23.21 -23.37 -11.51
C LEU A 23 -23.18 -23.23 -13.04
N VAL A 24 -23.39 -22.00 -13.55
CA VAL A 24 -23.35 -21.72 -14.99
C VAL A 24 -21.97 -21.17 -15.38
N ASP A 25 -21.58 -20.04 -14.75
CA ASP A 25 -20.30 -19.39 -15.00
C ASP A 25 -19.84 -18.63 -13.75
N PHE A 26 -18.55 -18.26 -13.69
CA PHE A 26 -17.97 -17.52 -12.55
C PHE A 26 -16.72 -16.77 -13.00
N SER A 27 -16.22 -15.85 -12.16
CA SER A 27 -15.00 -15.10 -12.45
C SER A 27 -14.51 -14.34 -11.22
N PHE A 28 -13.27 -14.60 -10.79
CA PHE A 28 -12.62 -13.81 -9.74
C PHE A 28 -12.03 -12.56 -10.41
N GLY A 29 -12.87 -11.55 -10.60
CA GLY A 29 -12.48 -10.36 -11.34
C GLY A 29 -12.72 -9.06 -10.62
N LEU A 30 -12.38 -7.93 -11.30
CA LEU A 30 -12.51 -6.59 -10.74
C LEU A 30 -13.59 -5.78 -11.49
N PRO A 31 -14.38 -4.93 -10.77
CA PRO A 31 -14.34 -4.66 -9.32
C PRO A 31 -14.97 -5.77 -8.48
N TYR A 32 -15.79 -6.63 -9.10
CA TYR A 32 -16.52 -7.65 -8.38
C TYR A 32 -16.27 -9.04 -8.90
N THR A 33 -16.21 -10.02 -7.97
CA THR A 33 -16.21 -11.44 -8.28
C THR A 33 -17.67 -11.84 -8.42
N TRP A 34 -18.00 -12.60 -9.46
CA TRP A 34 -19.39 -12.97 -9.69
C TRP A 34 -19.57 -14.46 -9.91
N VAL A 35 -20.76 -14.97 -9.56
CA VAL A 35 -21.13 -16.37 -9.76
C VAL A 35 -22.51 -16.41 -10.37
N LEU A 36 -22.63 -17.00 -11.57
CA LEU A 36 -23.91 -17.14 -12.26
C LEU A 36 -24.49 -18.54 -12.01
N VAL A 37 -25.73 -18.60 -11.51
CA VAL A 37 -26.40 -19.89 -11.22
C VAL A 37 -27.70 -20.04 -12.00
N GLU A 38 -28.22 -21.27 -12.10
CA GLU A 38 -29.47 -21.53 -12.80
C GLU A 38 -30.33 -22.56 -12.09
N GLY A 39 -31.62 -22.27 -11.98
CA GLY A 39 -32.61 -23.18 -11.42
C GLY A 39 -33.76 -23.43 -12.37
N ILE A 40 -34.82 -24.06 -11.87
CA ILE A 40 -36.01 -24.37 -12.68
C ILE A 40 -36.78 -23.07 -13.07
N GLU A 41 -36.71 -22.03 -12.22
CA GLU A 41 -37.40 -20.76 -12.47
C GLU A 41 -36.60 -19.80 -13.36
N GLY A 42 -35.28 -19.97 -13.38
CA GLY A 42 -34.39 -19.13 -14.21
C GLY A 42 -32.99 -18.98 -13.64
N ARG A 43 -32.31 -17.88 -14.01
CA ARG A 43 -30.93 -17.62 -13.57
C ARG A 43 -30.84 -16.52 -12.50
N ALA A 44 -29.73 -16.51 -11.73
CA ALA A 44 -29.47 -15.50 -10.70
C ALA A 44 -27.99 -15.17 -10.63
N LEU A 45 -27.66 -13.88 -10.51
CA LEU A 45 -26.26 -13.46 -10.45
C LEU A 45 -25.89 -12.93 -9.08
N GLY A 46 -24.91 -13.56 -8.46
CA GLY A 46 -24.40 -13.15 -7.16
C GLY A 46 -23.02 -12.54 -7.28
N VAL A 47 -22.75 -11.47 -6.52
CA VAL A 47 -21.46 -10.78 -6.57
C VAL A 47 -20.84 -10.64 -5.20
N ALA A 48 -19.50 -10.54 -5.15
CA ALA A 48 -18.76 -10.29 -3.92
C ALA A 48 -17.54 -9.46 -4.25
N THR A 50 -14.12 -7.85 -4.80
CA THR A 50 -12.74 -8.35 -4.82
C THR A 50 -11.86 -7.36 -4.11
N LEU A 51 -11.06 -7.85 -3.15
CA LEU A 51 -10.15 -7.01 -2.38
C LEU A 51 -8.70 -7.39 -2.73
N PRO A 52 -8.15 -6.81 -3.84
CA PRO A 52 -6.79 -7.22 -4.27
C PRO A 52 -5.70 -6.94 -3.24
N GLU A 53 -5.89 -5.90 -2.40
CA GLU A 53 -4.92 -5.55 -1.34
C GLU A 53 -4.81 -6.67 -0.28
N GLU A 54 -5.80 -7.58 -0.23
CA GLU A 54 -5.83 -8.71 0.70
C GLU A 54 -5.19 -9.97 0.08
N VAL A 55 -5.03 -9.98 -1.26
CA VAL A 55 -4.46 -11.12 -1.98
C VAL A 55 -2.94 -11.18 -1.78
N GLN A 56 -2.44 -12.26 -1.19
CA GLN A 56 -1.01 -12.44 -0.99
C GLN A 56 -0.44 -13.38 -2.03
N ARG A 57 -1.27 -14.34 -2.49
CA ARG A 57 -0.88 -15.34 -3.50
C ARG A 57 -2.06 -15.59 -4.43
N TYR A 58 -1.79 -15.87 -5.71
CA TYR A 58 -2.85 -16.22 -6.66
C TYR A 58 -2.96 -17.72 -6.83
N THR A 59 -3.53 -18.39 -5.81
CA THR A 59 -3.70 -19.84 -5.77
C THR A 59 -5.15 -20.21 -5.45
N ASN A 60 -5.60 -21.40 -5.90
CA ASN A 60 -6.95 -21.90 -5.61
C ASN A 60 -6.96 -23.43 -5.55
N SER A 61 -7.41 -23.99 -4.41
CA SER A 61 -7.45 -25.44 -4.20
C SER A 61 -8.59 -26.11 -4.98
N ILE A 62 -9.59 -25.32 -5.45
CA ILE A 62 -10.71 -25.83 -6.24
C ILE A 62 -10.23 -26.35 -7.60
N GLU A 63 -10.39 -27.65 -7.85
CA GLU A 63 -10.00 -28.27 -9.11
C GLU A 63 -11.21 -28.39 -10.04
N GLU A 64 -12.33 -28.92 -9.52
CA GLU A 64 -13.58 -29.04 -10.27
C GLU A 64 -14.60 -28.04 -9.73
N PRO A 65 -14.82 -26.92 -10.45
CA PRO A 65 -15.74 -25.89 -9.94
C PRO A 65 -17.20 -26.33 -9.94
N SER A 66 -17.88 -26.11 -8.80
CA SER A 66 -19.31 -26.39 -8.64
C SER A 66 -19.87 -25.41 -7.61
N LEU A 67 -21.20 -25.29 -7.55
CA LEU A 67 -21.85 -24.37 -6.62
C LEU A 67 -21.59 -24.77 -5.15
N LEU A 68 -21.71 -26.08 -4.83
CA LEU A 68 -21.48 -26.58 -3.47
C LEU A 68 -20.00 -26.46 -3.05
N GLU A 69 -19.06 -26.66 -4.02
CA GLU A 69 -17.61 -26.54 -3.77
C GLU A 69 -17.25 -25.09 -3.46
N PHE A 70 -17.83 -24.13 -4.21
CA PHE A 70 -17.60 -22.69 -4.00
C PHE A 70 -18.07 -22.27 -2.62
N ILE A 71 -19.33 -22.63 -2.25
CA ILE A 71 -19.93 -22.28 -0.95
C ILE A 71 -19.15 -22.87 0.24
N ASP A 72 -18.64 -24.11 0.08
CA ASP A 72 -17.87 -24.77 1.14
C ASP A 72 -16.57 -23.99 1.44
N LYS A 73 -16.01 -23.30 0.42
CA LYS A 73 -14.76 -22.56 0.56
C LYS A 73 -14.98 -21.09 0.99
N ALA A 74 -16.19 -20.76 1.52
CA ALA A 74 -16.50 -19.41 1.97
C ALA A 74 -15.73 -19.05 3.25
N ASP A 75 -15.48 -20.05 4.12
CA ASP A 75 -14.75 -19.81 5.38
C ASP A 75 -13.26 -20.18 5.24
N SER A 76 -12.72 -20.13 3.99
CA SER A 76 -11.32 -20.47 3.71
C SER A 76 -10.38 -19.36 4.17
N LEU A 77 -9.11 -19.71 4.44
CA LEU A 77 -8.09 -18.73 4.80
C LEU A 77 -7.64 -17.98 3.54
N ASN A 78 -7.90 -18.58 2.36
CA ASN A 78 -7.59 -17.99 1.06
C ASN A 78 -8.69 -17.01 0.66
N ILE A 79 -8.34 -15.72 0.53
CA ILE A 79 -9.31 -14.66 0.16
C ILE A 79 -10.00 -14.94 -1.20
N ILE A 80 -9.25 -15.52 -2.19
CA ILE A 80 -9.80 -15.87 -3.51
C ILE A 80 -10.92 -16.90 -3.35
N GLU A 81 -10.70 -17.92 -2.51
CA GLU A 81 -11.70 -18.96 -2.23
C GLU A 81 -12.90 -18.40 -1.45
N ARG A 82 -12.66 -17.45 -0.51
CA ARG A 82 -13.72 -16.78 0.26
C ARG A 82 -14.61 -15.93 -0.64
N THR A 83 -13.98 -15.05 -1.46
CA THR A 83 -14.71 -14.15 -2.37
C THR A 83 -15.60 -14.92 -3.34
N LEU A 84 -15.06 -16.01 -3.95
CA LEU A 84 -15.84 -16.88 -4.85
C LEU A 84 -16.98 -17.60 -4.09
N GLY A 85 -16.72 -17.93 -2.82
CA GLY A 85 -17.70 -18.56 -1.95
C GLY A 85 -18.84 -17.63 -1.55
N VAL A 86 -18.51 -16.40 -1.15
CA VAL A 86 -19.50 -15.37 -0.81
C VAL A 86 -20.33 -14.98 -2.04
N ALA A 87 -19.68 -14.84 -3.22
CA ALA A 87 -20.38 -14.56 -4.48
C ALA A 87 -21.36 -15.68 -4.83
N ALA A 88 -20.99 -16.94 -4.50
CA ALA A 88 -21.85 -18.11 -4.71
C ALA A 88 -23.01 -18.13 -3.72
N ILE A 89 -22.76 -17.74 -2.44
CA ILE A 89 -23.82 -17.65 -1.42
C ILE A 89 -24.84 -16.58 -1.84
N ASN A 90 -24.34 -15.44 -2.37
CA ASN A 90 -25.17 -14.36 -2.87
C ASN A 90 -25.97 -14.80 -4.11
N ALA A 91 -25.34 -15.62 -4.98
CA ALA A 91 -26.01 -16.15 -6.18
C ALA A 91 -27.22 -16.98 -5.80
N VAL A 92 -27.04 -17.91 -4.83
CA VAL A 92 -28.13 -18.77 -4.31
C VAL A 92 -29.20 -17.89 -3.64
N SER A 93 -28.76 -16.86 -2.90
CA SER A 93 -29.64 -15.93 -2.19
C SER A 93 -30.49 -15.11 -3.15
N GLN A 94 -29.88 -14.59 -4.23
CA GLN A 94 -30.58 -13.76 -5.23
C GLN A 94 -31.64 -14.55 -6.01
N TYR A 95 -31.50 -15.88 -6.05
CA TYR A 95 -32.49 -16.75 -6.68
C TYR A 95 -33.73 -16.90 -5.77
N TYR A 96 -33.51 -16.98 -4.43
CA TYR A 96 -34.57 -17.21 -3.47
C TYR A 96 -35.02 -15.94 -2.71
N ILE A 97 -34.38 -14.78 -2.97
CA ILE A 97 -34.69 -13.51 -2.28
C ILE A 97 -36.15 -13.04 -2.49
N ASP A 98 -36.87 -12.75 -1.38
CA ASP A 98 -38.23 -12.22 -1.43
C ASP A 98 -38.18 -10.76 -1.00
N LEU A 99 -38.43 -9.85 -1.95
CA LEU A 99 -38.32 -8.41 -1.68
C LEU A 99 -39.69 -7.74 -1.51
N ARG A 100 -40.68 -8.48 -0.99
CA ARG A 100 -42.01 -7.92 -0.73
C ARG A 100 -41.99 -6.82 0.33
N GLU A 101 -41.23 -7.02 1.40
CA GLU A 101 -41.13 -6.03 2.49
C GLU A 101 -39.83 -5.21 2.39
N ALA A 102 -39.24 -5.18 1.20
CA ALA A 102 -38.04 -4.40 0.96
C ALA A 102 -38.40 -2.94 0.70
N LYS A 103 -37.63 -2.02 1.28
CA LYS A 103 -37.83 -0.59 1.08
C LYS A 103 -36.92 -0.11 -0.05
N TRP A 104 -37.48 0.65 -1.00
CA TRP A 104 -36.72 1.16 -2.14
C TRP A 104 -36.11 2.54 -1.81
N ILE A 105 -35.25 2.57 -0.77
CA ILE A 105 -34.64 3.80 -0.26
C ILE A 105 -33.11 3.69 -0.18
N ASP A 106 -32.45 4.82 0.08
CA ASP A 106 -30.99 4.85 0.26
C ASP A 106 -30.67 4.60 1.76
N VAL A 107 -29.43 4.19 2.06
CA VAL A 107 -28.99 3.95 3.44
C VAL A 107 -29.11 5.21 4.31
N THR A 108 -28.86 6.39 3.71
CA THR A 108 -28.95 7.68 4.41
C THR A 108 -30.40 7.97 4.87
N GLU A 109 -31.41 7.59 4.03
CA GLU A 109 -32.85 7.75 4.36
C GLU A 109 -33.21 6.87 5.54
N LEU A 110 -32.70 5.62 5.54
CA LEU A 110 -32.95 4.63 6.59
C LEU A 110 -32.49 5.15 7.97
N ILE A 111 -31.30 5.80 8.02
CA ILE A 111 -30.75 6.36 9.26
C ILE A 111 -31.62 7.50 9.79
N GLN A 112 -32.14 8.34 8.88
CA GLN A 112 -32.99 9.48 9.24
C GLN A 112 -34.32 9.04 9.89
N GLN A 113 -34.77 7.80 9.60
CA GLN A 113 -36.01 7.25 10.15
C GLN A 113 -35.88 6.92 11.66
N ASP A 114 -34.62 6.92 12.19
CA ASP A 114 -34.37 6.61 13.60
C ASP A 114 -33.67 7.77 14.33
N GLU A 115 -33.58 7.66 15.68
CA GLU A 115 -32.94 8.68 16.52
C GLU A 115 -31.50 8.27 16.87
N ILE A 116 -30.54 8.60 15.97
CA ILE A 116 -29.12 8.24 16.16
C ILE A 116 -28.29 9.51 16.46
N LYS A 117 -27.25 9.38 17.32
CA LYS A 117 -26.36 10.50 17.66
C LYS A 117 -24.98 10.31 17.03
N ARG A 118 -24.36 9.14 17.26
CA ARG A 118 -23.04 8.83 16.72
C ARG A 118 -23.10 7.66 15.78
N ILE A 119 -22.50 7.81 14.61
CA ILE A 119 -22.49 6.77 13.57
C ILE A 119 -21.08 6.32 13.26
N ALA A 120 -20.86 5.00 13.15
CA ALA A 120 -19.57 4.45 12.73
C ALA A 120 -19.71 3.92 11.32
N ILE A 121 -18.98 4.52 10.36
CA ILE A 121 -19.02 4.09 8.97
C ILE A 121 -17.78 3.28 8.60
N ILE A 122 -17.95 1.96 8.40
CA ILE A 122 -16.86 1.06 8.03
C ILE A 122 -16.82 0.92 6.51
N GLY A 123 -15.75 1.44 5.90
CA GLY A 123 -15.62 1.52 4.47
C GLY A 123 -15.99 2.91 3.98
N ASN A 124 -15.02 3.63 3.39
CA ASN A 124 -15.23 5.00 2.96
C ASN A 124 -16.18 5.09 1.76
N PRO A 126 -18.06 7.95 0.05
CA PRO A 126 -18.23 9.42 0.02
C PRO A 126 -19.67 9.97 -0.02
N PRO A 127 -20.61 9.43 -0.88
CA PRO A 127 -21.99 9.97 -0.87
C PRO A 127 -22.69 9.80 0.48
N VAL A 128 -22.52 8.61 1.12
CA VAL A 128 -23.13 8.32 2.43
C VAL A 128 -22.49 9.17 3.54
N VAL A 129 -21.14 9.30 3.52
CA VAL A 129 -20.39 10.08 4.50
C VAL A 129 -20.78 11.57 4.44
N ARG A 130 -20.78 12.17 3.23
CA ARG A 130 -21.12 13.58 3.01
C ARG A 130 -22.51 13.94 3.54
N THR A 131 -23.48 13.03 3.35
CA THR A 131 -24.88 13.24 3.77
C THR A 131 -25.02 13.17 5.30
N LEU A 132 -24.32 12.24 5.96
CA LEU A 132 -24.45 12.02 7.41
C LEU A 132 -23.54 12.92 8.25
N LYS A 133 -22.37 13.34 7.71
CA LYS A 133 -21.42 14.19 8.44
C LYS A 133 -22.01 15.57 8.83
N GLU A 134 -23.06 16.02 8.11
CA GLU A 134 -23.68 17.34 8.36
C GLU A 134 -24.82 17.30 9.42
N LYS A 135 -25.33 16.10 9.74
CA LYS A 135 -26.43 15.98 10.71
C LYS A 135 -26.07 15.10 11.92
N TYR A 136 -25.04 14.24 11.79
CA TYR A 136 -24.65 13.31 12.86
C TYR A 136 -23.15 13.35 13.15
N GLU A 137 -22.74 12.79 14.31
CA GLU A 137 -21.32 12.66 14.67
C GLU A 137 -20.80 11.37 14.00
N VAL A 138 -20.02 11.52 12.92
CA VAL A 138 -19.59 10.39 12.11
C VAL A 138 -18.12 10.01 12.33
N TYR A 139 -17.83 8.68 12.37
CA TYR A 139 -16.47 8.13 12.46
C TYR A 139 -16.25 7.17 11.31
N VAL A 140 -15.44 7.58 10.31
CA VAL A 140 -15.20 6.76 9.11
C VAL A 140 -13.92 5.93 9.26
N PHE A 141 -14.01 4.61 8.98
CA PHE A 141 -12.86 3.70 9.06
C PHE A 141 -12.57 3.09 7.72
N GLU A 142 -11.33 3.22 7.23
CA GLU A 142 -10.95 2.64 5.95
C GLU A 142 -9.66 1.84 6.05
N ARG A 143 -9.67 0.62 5.50
CA ARG A 143 -8.54 -0.28 5.53
C ARG A 143 -7.63 -0.08 4.27
N ASN A 144 -8.26 0.14 3.09
CA ASN A 144 -7.55 0.36 1.82
C ASN A 144 -7.00 1.80 1.74
N LYS A 146 -6.03 3.49 -0.83
CA LYS A 146 -6.55 4.22 -2.00
C LYS A 146 -7.80 5.06 -1.65
N LEU A 147 -8.69 4.50 -0.80
CA LEU A 147 -9.94 5.15 -0.39
C LEU A 147 -9.77 5.91 0.94
N TRP A 148 -8.54 6.34 1.25
CA TRP A 148 -8.20 7.02 2.49
C TRP A 148 -8.40 8.54 2.37
N ASP A 149 -9.04 9.16 3.39
CA ASP A 149 -9.21 10.62 3.50
C ASP A 149 -8.37 11.15 4.67
N ARG A 150 -8.41 12.47 4.92
CA ARG A 150 -7.75 13.05 6.07
C ARG A 150 -8.65 12.93 7.33
N ASP A 151 -9.90 12.45 7.14
CA ASP A 151 -10.88 12.29 8.23
C ASP A 151 -11.22 10.81 8.50
N THR A 152 -10.64 9.88 7.71
CA THR A 152 -10.86 8.46 7.91
C THR A 152 -9.87 7.90 8.95
N TYR A 153 -10.38 7.13 9.92
CA TYR A 153 -9.56 6.51 10.97
C TYR A 153 -9.05 5.15 10.51
N SER A 154 -7.98 4.65 11.14
CA SER A 154 -7.45 3.32 10.86
C SER A 154 -8.45 2.26 11.36
N ASP A 155 -8.54 1.11 10.69
CA ASP A 155 -9.48 0.05 11.09
C ASP A 155 -9.11 -0.57 12.46
N THR A 156 -7.90 -0.26 12.98
CA THR A 156 -7.46 -0.74 14.29
C THR A 156 -8.20 -0.01 15.43
N LEU A 157 -8.81 1.16 15.12
CA LEU A 157 -9.54 1.97 16.09
C LEU A 157 -11.03 1.58 16.15
N GLU A 158 -11.48 0.68 15.24
CA GLU A 158 -12.86 0.19 15.23
C GLU A 158 -13.18 -0.49 16.55
N TYR A 159 -12.27 -1.38 17.01
CA TYR A 159 -12.41 -2.15 18.25
C TYR A 159 -12.73 -1.24 19.45
N HIS A 160 -12.21 0.00 19.46
CA HIS A 160 -12.38 0.93 20.58
C HIS A 160 -13.54 1.92 20.37
N ILE A 161 -13.88 2.26 19.10
CA ILE A 161 -14.92 3.26 18.81
C ILE A 161 -16.33 2.63 18.60
N LEU A 162 -16.40 1.41 18.02
CA LEU A 162 -17.68 0.71 17.80
C LEU A 162 -18.56 0.58 19.07
N PRO A 163 -17.98 0.32 20.30
CA PRO A 163 -18.83 0.22 21.50
C PRO A 163 -19.47 1.56 21.92
N GLU A 164 -19.04 2.69 21.30
CA GLU A 164 -19.52 4.03 21.66
C GLU A 164 -20.57 4.60 20.69
N VAL A 165 -20.79 3.93 19.54
CA VAL A 165 -21.72 4.42 18.51
C VAL A 165 -23.14 3.81 18.62
N ASP A 166 -24.16 4.57 18.18
CA ASP A 166 -25.56 4.15 18.23
C ASP A 166 -25.98 3.49 16.92
N GLY A 167 -25.27 3.82 15.84
CA GLY A 167 -25.54 3.27 14.52
C GLY A 167 -24.28 2.86 13.79
N ILE A 168 -24.36 1.78 12.99
CA ILE A 168 -23.22 1.29 12.21
C ILE A 168 -23.61 1.06 10.76
N ILE A 169 -22.84 1.66 9.82
CA ILE A 169 -23.01 1.42 8.39
C ILE A 169 -21.74 0.76 7.87
N ALA A 170 -21.73 -0.59 7.84
CA ALA A 170 -20.55 -1.35 7.46
C ALA A 170 -20.64 -1.81 6.02
N SER A 171 -19.60 -1.52 5.21
CA SER A 171 -19.53 -1.99 3.83
C SER A 171 -19.66 -3.50 3.81
N ALA A 172 -20.51 -4.03 2.92
CA ALA A 172 -20.77 -5.46 2.82
C ALA A 172 -19.49 -6.27 2.54
N SER A 173 -18.36 -5.58 2.25
CA SER A 173 -17.06 -6.21 2.03
C SER A 173 -16.50 -6.77 3.34
N CYS A 174 -17.13 -6.43 4.49
CA CYS A 174 -16.73 -6.98 5.79
C CYS A 174 -17.06 -8.47 5.88
N ILE A 175 -17.88 -8.97 4.93
CA ILE A 175 -18.23 -10.38 4.83
C ILE A 175 -17.07 -11.18 4.17
N VAL A 176 -16.45 -10.61 3.11
CA VAL A 176 -15.35 -11.28 2.41
C VAL A 176 -14.01 -11.24 3.18
N ASN A 177 -13.73 -10.14 3.94
CA ASN A 177 -12.45 -10.01 4.66
C ASN A 177 -12.45 -10.61 6.10
N GLY A 178 -13.64 -10.90 6.63
CA GLY A 178 -13.78 -11.56 7.94
C GLY A 178 -13.86 -10.63 9.13
N THR A 179 -14.11 -9.34 8.88
CA THR A 179 -14.21 -8.35 9.96
C THR A 179 -15.62 -8.25 10.58
N LEU A 180 -16.64 -8.87 9.92
CA LEU A 180 -18.03 -8.80 10.38
C LEU A 180 -18.22 -9.34 11.81
N ASP A 181 -17.56 -10.47 12.13
CA ASP A 181 -17.65 -11.11 13.46
C ASP A 181 -17.20 -10.15 14.58
N ILE A 183 -16.93 -6.64 14.26
CA ILE A 183 -17.82 -5.48 14.22
C ILE A 183 -19.08 -5.70 15.06
N LEU A 184 -19.72 -6.88 14.92
CA LEU A 184 -20.93 -7.20 15.68
C LEU A 184 -20.64 -7.41 17.16
N ASP A 185 -19.50 -8.04 17.49
CA ASP A 185 -19.10 -8.26 18.87
C ASP A 185 -18.85 -6.93 19.60
N ARG A 186 -18.26 -5.94 18.89
CA ARG A 186 -17.94 -4.64 19.49
C ARG A 186 -19.10 -3.65 19.41
N ALA A 187 -20.18 -4.01 18.70
CA ALA A 187 -21.38 -3.16 18.58
C ALA A 187 -22.23 -3.27 19.85
N LYS A 188 -21.67 -2.85 21.01
CA LYS A 188 -22.29 -2.99 22.33
C LYS A 188 -23.57 -2.17 22.50
N LYS A 189 -23.56 -0.90 22.03
CA LYS A 189 -24.63 0.07 22.26
C LYS A 189 -25.43 0.40 20.96
N ALA A 190 -24.99 -0.16 19.80
CA ALA A 190 -25.64 0.11 18.52
C ALA A 190 -27.00 -0.52 18.43
N LYS A 191 -28.00 0.27 18.03
CA LYS A 191 -29.39 -0.19 17.86
C LYS A 191 -29.73 -0.37 16.38
N LEU A 192 -28.85 0.12 15.49
CA LEU A 192 -29.04 0.08 14.05
C LEU A 192 -27.71 -0.34 13.36
N ILE A 193 -27.67 -1.56 12.79
CA ILE A 193 -26.48 -2.07 12.08
C ILE A 193 -26.86 -2.42 10.63
N VAL A 194 -26.35 -1.61 9.67
CA VAL A 194 -26.67 -1.79 8.26
C VAL A 194 -25.45 -2.32 7.49
N ILE A 195 -25.61 -3.46 6.80
CA ILE A 195 -24.57 -4.02 5.95
C ILE A 195 -24.88 -3.63 4.50
N THR A 196 -24.16 -2.63 3.96
CA THR A 196 -24.48 -2.04 2.67
C THR A 196 -23.49 -2.41 1.56
N GLY A 197 -24.03 -2.60 0.36
CA GLY A 197 -23.23 -2.91 -0.83
C GLY A 197 -23.67 -4.15 -1.58
N PRO A 198 -23.22 -4.30 -2.85
CA PRO A 198 -23.61 -5.50 -3.64
C PRO A 198 -23.20 -6.84 -3.00
N THR A 199 -22.18 -6.84 -2.10
CA THR A 199 -21.75 -8.07 -1.42
C THR A 199 -22.81 -8.52 -0.34
N GLY A 200 -23.74 -7.61 -0.03
CA GLY A 200 -24.81 -7.88 0.92
C GLY A 200 -26.06 -8.47 0.28
N GLN A 201 -25.88 -9.19 -0.85
CA GLN A 201 -26.98 -9.83 -1.59
C GLN A 201 -27.50 -11.09 -0.88
N LEU A 202 -26.87 -11.47 0.26
CA LEU A 202 -27.24 -12.67 1.01
C LEU A 202 -28.67 -12.60 1.60
N LEU A 203 -29.29 -13.77 1.88
CA LEU A 203 -30.65 -13.82 2.45
C LEU A 203 -30.65 -13.27 3.88
N PRO A 204 -31.69 -12.50 4.27
CA PRO A 204 -31.73 -11.95 5.65
C PRO A 204 -31.78 -13.05 6.70
N GLU A 205 -32.45 -14.19 6.38
CA GLU A 205 -32.57 -15.33 7.30
C GLU A 205 -31.21 -15.89 7.75
N PHE A 206 -30.15 -15.67 6.94
CA PHE A 206 -28.79 -16.11 7.27
C PHE A 206 -28.22 -15.31 8.44
N LEU A 207 -28.69 -14.06 8.60
CA LEU A 207 -28.21 -13.17 9.66
C LEU A 207 -29.19 -13.12 10.86
N LYS A 208 -30.17 -14.06 10.91
CA LYS A 208 -31.11 -14.16 12.03
C LYS A 208 -30.35 -14.50 13.31
N GLY A 209 -30.62 -13.75 14.37
CA GLY A 209 -29.95 -13.94 15.64
C GLY A 209 -28.79 -12.98 15.86
N THR A 210 -28.17 -12.51 14.75
CA THR A 210 -27.05 -11.55 14.85
C THR A 210 -27.56 -10.15 15.18
N LYS A 211 -26.63 -9.21 15.45
CA LYS A 211 -26.98 -7.83 15.77
C LYS A 211 -27.34 -7.02 14.51
N VAL A 212 -27.09 -7.60 13.30
CA VAL A 212 -27.43 -6.94 12.01
C VAL A 212 -28.94 -6.67 11.96
N THR A 213 -29.31 -5.41 11.69
CA THR A 213 -30.73 -5.03 11.66
C THR A 213 -31.28 -4.93 10.24
N HIS A 214 -30.46 -4.44 9.29
CA HIS A 214 -30.88 -4.24 7.91
C HIS A 214 -29.82 -4.73 6.92
N LEU A 215 -30.23 -5.00 5.69
CA LEU A 215 -29.35 -5.33 4.59
C LEU A 215 -29.65 -4.40 3.43
N ALA A 216 -28.68 -3.55 3.07
CA ALA A 216 -28.83 -2.63 1.94
C ALA A 216 -28.00 -3.11 0.76
N SER A 217 -28.67 -3.71 -0.23
CA SER A 217 -27.98 -4.27 -1.39
C SER A 217 -28.77 -3.99 -2.67
N LYS A 219 -30.45 -6.03 -6.51
CA LYS A 219 -30.74 -7.23 -7.29
C LYS A 219 -30.58 -6.95 -8.77
N VAL A 220 -29.85 -7.83 -9.47
CA VAL A 220 -29.63 -7.70 -10.91
C VAL A 220 -30.94 -7.91 -11.69
N THR A 221 -31.38 -6.89 -12.45
CA THR A 221 -32.62 -6.96 -13.25
C THR A 221 -32.37 -7.53 -14.64
N ASN A 222 -31.18 -7.25 -15.22
CA ASN A 222 -30.77 -7.78 -16.52
C ASN A 222 -29.41 -8.45 -16.37
N ILE A 223 -29.40 -9.79 -16.25
CA ILE A 223 -28.18 -10.58 -16.03
C ILE A 223 -27.17 -10.41 -17.19
N GLU A 224 -27.64 -10.50 -18.44
CA GLU A 224 -26.77 -10.41 -19.62
C GLU A 224 -26.04 -9.06 -19.71
N LYS A 225 -26.79 -7.94 -19.56
CA LYS A 225 -26.22 -6.59 -19.63
C LYS A 225 -25.28 -6.30 -18.46
N ALA A 226 -25.63 -6.81 -17.24
CA ALA A 226 -24.80 -6.63 -16.04
C ALA A 226 -23.48 -7.43 -16.13
N LEU A 227 -23.53 -8.65 -16.73
CA LEU A 227 -22.32 -9.48 -16.94
C LEU A 227 -21.35 -8.81 -17.88
N VAL A 228 -21.87 -8.15 -18.93
CA VAL A 228 -21.06 -7.41 -19.89
C VAL A 228 -20.27 -6.31 -19.17
N LYS A 229 -20.95 -5.57 -18.28
CA LYS A 229 -20.31 -4.49 -17.52
C LYS A 229 -19.35 -5.03 -16.46
N LEU A 230 -19.73 -6.15 -15.78
CA LEU A 230 -18.85 -6.77 -14.77
C LEU A 230 -17.54 -7.24 -15.41
N LYS A 231 -17.64 -7.84 -16.61
CA LYS A 231 -16.48 -8.31 -17.38
C LYS A 231 -15.65 -7.14 -17.90
N LEU A 232 -16.30 -5.98 -18.16
CA LEU A 232 -15.62 -4.76 -18.63
C LEU A 232 -14.98 -3.96 -17.49
N GLY A 233 -15.31 -4.33 -16.25
CA GLY A 233 -14.78 -3.66 -15.07
C GLY A 233 -15.47 -2.34 -14.77
N SER A 234 -16.75 -2.20 -15.20
CA SER A 234 -17.54 -0.98 -14.99
C SER A 234 -18.54 -1.19 -13.87
N PHE A 235 -18.37 -0.50 -12.73
CA PHE A 235 -19.29 -0.65 -11.60
C PHE A 235 -20.63 0.01 -11.87
N LYS A 236 -20.63 1.31 -12.28
CA LYS A 236 -21.86 2.04 -12.55
C LYS A 236 -22.69 1.43 -13.69
N GLY A 237 -22.02 0.72 -14.59
CA GLY A 237 -22.68 -0.01 -15.68
C GLY A 237 -23.41 -1.23 -15.14
N PHE A 238 -22.80 -1.90 -14.15
CA PHE A 238 -23.41 -3.05 -13.47
C PHE A 238 -24.50 -2.56 -12.51
N GLU A 239 -24.28 -1.40 -11.86
CA GLU A 239 -25.21 -0.79 -10.91
C GLU A 239 -26.51 -0.34 -11.61
N SER A 240 -26.38 0.15 -12.86
CA SER A 240 -27.55 0.61 -13.65
C SER A 240 -28.43 -0.55 -14.13
N GLU A 241 -27.89 -1.79 -14.11
CA GLU A 241 -28.64 -2.98 -14.51
C GLU A 241 -29.19 -3.71 -13.28
N SER A 242 -29.29 -2.99 -12.15
CA SER A 242 -29.77 -3.55 -10.89
C SER A 242 -30.72 -2.59 -10.20
N ILE A 243 -31.45 -3.08 -9.18
CA ILE A 243 -32.34 -2.26 -8.35
C ILE A 243 -31.90 -2.30 -6.90
N LYS A 244 -31.62 -1.12 -6.31
CA LYS A 244 -31.19 -1.04 -4.92
C LYS A 244 -32.36 -1.31 -3.96
N TYR A 245 -32.08 -1.98 -2.83
CA TYR A 245 -33.11 -2.29 -1.84
C TYR A 245 -32.57 -2.27 -0.43
N VAL A 246 -33.44 -2.01 0.55
CA VAL A 246 -33.11 -2.10 1.97
C VAL A 246 -34.10 -3.06 2.61
N ILE A 247 -33.60 -4.20 3.13
CA ILE A 247 -34.47 -5.22 3.73
C ILE A 247 -34.13 -5.48 5.20
N GLU A 248 -35.15 -5.63 6.05
CA GLU A 248 -34.95 -5.90 7.48
C GLU A 248 -34.53 -7.36 7.69
N VAL A 249 -33.77 -7.61 8.78
CA VAL A 249 -33.34 -8.96 9.15
C VAL A 249 -34.12 -9.46 10.38
N LEU B 6 4.49 3.35 -27.97
CA LEU B 6 4.75 2.11 -28.72
C LEU B 6 3.47 1.28 -28.85
N LEU B 7 2.64 1.28 -27.79
CA LEU B 7 1.38 0.55 -27.74
C LEU B 7 0.37 1.09 -28.76
N SER B 8 0.50 2.37 -29.14
CA SER B 8 -0.35 3.00 -30.15
C SER B 8 0.00 2.48 -31.55
N ARG B 9 1.28 2.13 -31.75
CA ARG B 9 1.77 1.61 -33.03
C ARG B 9 1.47 0.11 -33.15
N ILE B 10 1.54 -0.62 -32.01
CA ILE B 10 1.26 -2.06 -31.97
C ILE B 10 -0.23 -2.32 -32.27
N LYS B 11 -1.14 -1.49 -31.70
CA LYS B 11 -2.58 -1.67 -31.91
C LYS B 11 -2.99 -1.46 -33.37
N LYS B 12 -2.30 -0.53 -34.09
CA LYS B 12 -2.56 -0.26 -35.51
C LYS B 12 -2.22 -1.50 -36.36
N LYS B 13 -1.12 -2.19 -36.03
CA LYS B 13 -0.71 -3.41 -36.72
C LYS B 13 -1.65 -4.58 -36.37
N ALA B 14 -2.07 -4.67 -35.08
CA ALA B 14 -2.95 -5.74 -34.59
C ALA B 14 -4.36 -5.65 -35.16
N GLU B 16 -5.17 -4.69 -38.13
CA GLU B 16 -5.11 -5.19 -39.50
C GLU B 16 -5.18 -6.73 -39.52
N LEU B 17 -4.76 -7.37 -38.41
CA LEU B 17 -4.77 -8.84 -38.29
C LEU B 17 -6.06 -9.37 -37.66
N ALA B 18 -6.82 -8.49 -37.00
CA ALA B 18 -8.07 -8.87 -36.32
C ALA B 18 -9.27 -8.87 -37.27
N GLU B 19 -9.03 -8.64 -38.58
CA GLU B 19 -10.09 -8.58 -39.60
C GLU B 19 -10.87 -9.89 -39.73
N ASP B 20 -10.17 -11.03 -39.71
CA ASP B 20 -10.81 -12.34 -39.86
C ASP B 20 -11.05 -13.04 -38.50
N LEU B 21 -10.93 -12.28 -37.38
CA LEU B 21 -11.15 -12.83 -36.04
C LEU B 21 -12.35 -12.17 -35.35
N LYS B 22 -13.06 -12.93 -34.49
CA LYS B 22 -14.21 -12.42 -33.74
C LYS B 22 -14.05 -12.63 -32.24
N LEU B 23 -14.63 -11.72 -31.43
CA LEU B 23 -14.59 -11.83 -29.98
C LEU B 23 -15.58 -12.90 -29.49
N VAL B 24 -15.10 -13.84 -28.66
CA VAL B 24 -15.96 -14.88 -28.09
C VAL B 24 -16.36 -14.50 -26.65
N ASP B 25 -15.35 -14.30 -25.78
CA ASP B 25 -15.56 -13.94 -24.38
C ASP B 25 -14.37 -13.11 -23.86
N PHE B 26 -14.55 -12.42 -22.73
CA PHE B 26 -13.50 -11.60 -22.11
C PHE B 26 -13.77 -11.42 -20.62
N SER B 27 -12.77 -10.90 -19.86
CA SER B 27 -12.93 -10.64 -18.44
C SER B 27 -11.78 -9.83 -17.89
N PHE B 28 -12.08 -8.67 -17.29
CA PHE B 28 -11.08 -7.89 -16.58
C PHE B 28 -10.96 -8.46 -15.17
N GLY B 29 -10.15 -9.51 -15.03
CA GLY B 29 -10.05 -10.25 -13.78
C GLY B 29 -8.65 -10.41 -13.24
N LEU B 30 -8.53 -11.10 -12.08
CA LEU B 30 -7.26 -11.35 -11.41
C LEU B 30 -6.91 -12.86 -11.43
N PRO B 31 -5.60 -13.21 -11.59
CA PRO B 31 -4.43 -12.32 -11.75
C PRO B 31 -4.31 -11.72 -13.15
N TYR B 32 -5.01 -12.30 -14.13
CA TYR B 32 -4.90 -11.87 -15.52
C TYR B 32 -6.21 -11.49 -16.14
N THR B 33 -6.19 -10.46 -17.00
CA THR B 33 -7.31 -10.06 -17.84
C THR B 33 -7.17 -10.83 -19.15
N TRP B 34 -8.23 -11.54 -19.57
CA TRP B 34 -8.14 -12.39 -20.75
C TRP B 34 -9.17 -12.06 -21.83
N VAL B 35 -8.83 -12.37 -23.08
CA VAL B 35 -9.72 -12.18 -24.22
C VAL B 35 -9.70 -13.44 -25.08
N LEU B 36 -10.86 -14.09 -25.24
CA LEU B 36 -10.98 -15.28 -26.08
C LEU B 36 -11.48 -14.89 -27.47
N VAL B 37 -10.75 -15.32 -28.53
CA VAL B 37 -11.12 -15.02 -29.93
C VAL B 37 -11.30 -16.31 -30.74
N GLU B 38 -11.97 -16.21 -31.91
CA GLU B 38 -12.20 -17.36 -32.77
C GLU B 38 -12.04 -17.01 -34.24
N GLY B 39 -11.35 -17.88 -34.98
CA GLY B 39 -11.17 -17.76 -36.42
C GLY B 39 -11.59 -19.01 -37.14
N ILE B 40 -11.25 -19.11 -38.43
CA ILE B 40 -11.60 -20.29 -39.25
C ILE B 40 -10.81 -21.53 -38.80
N GLU B 41 -9.59 -21.33 -38.25
CA GLU B 41 -8.73 -22.44 -37.82
C GLU B 41 -9.05 -22.92 -36.39
N GLY B 42 -9.63 -22.03 -35.58
CA GLY B 42 -9.99 -22.35 -34.21
C GLY B 42 -9.99 -21.16 -33.28
N ARG B 43 -9.80 -21.41 -31.97
CA ARG B 43 -9.82 -20.37 -30.94
C ARG B 43 -8.40 -20.04 -30.41
N ALA B 44 -8.24 -18.83 -29.84
CA ALA B 44 -6.97 -18.39 -29.24
C ALA B 44 -7.24 -17.55 -28.01
N LEU B 45 -6.45 -17.77 -26.95
CA LEU B 45 -6.64 -17.03 -25.69
C LEU B 45 -5.46 -16.09 -25.43
N GLY B 46 -5.76 -14.81 -25.33
CA GLY B 46 -4.77 -13.78 -25.01
C GLY B 46 -4.95 -13.24 -23.62
N VAL B 47 -3.83 -13.03 -22.89
CA VAL B 47 -3.89 -12.53 -21.52
C VAL B 47 -3.03 -11.27 -21.33
N ALA B 48 -3.37 -10.47 -20.31
CA ALA B 48 -2.61 -9.29 -19.91
C ALA B 48 -2.70 -9.17 -18.40
N THR B 50 -3.35 -7.88 -14.87
CA THR B 50 -4.13 -6.83 -14.22
C THR B 50 -3.31 -6.21 -13.10
N LEU B 51 -3.23 -4.86 -13.09
CA LEU B 51 -2.52 -4.12 -12.06
C LEU B 51 -3.53 -3.27 -11.26
N PRO B 52 -4.18 -3.86 -10.23
CA PRO B 52 -5.23 -3.13 -9.50
C PRO B 52 -4.75 -1.86 -8.81
N GLU B 53 -3.47 -1.82 -8.40
CA GLU B 53 -2.87 -0.64 -7.75
C GLU B 53 -2.83 0.57 -8.71
N GLU B 54 -2.96 0.32 -10.04
CA GLU B 54 -2.95 1.37 -11.07
C GLU B 54 -4.39 1.86 -11.37
N VAL B 55 -5.41 1.10 -10.91
CA VAL B 55 -6.82 1.44 -11.15
C VAL B 55 -7.26 2.62 -10.30
N GLN B 56 -7.72 3.71 -10.96
CA GLN B 56 -8.18 4.93 -10.29
C GLN B 56 -9.72 4.94 -10.18
N ARG B 57 -10.42 4.51 -11.25
CA ARG B 57 -11.89 4.42 -11.28
C ARG B 57 -12.32 3.17 -12.04
N TYR B 58 -13.36 2.48 -11.55
CA TYR B 58 -13.88 1.30 -12.24
C TYR B 58 -14.91 1.69 -13.28
N THR B 59 -14.42 2.26 -14.39
CA THR B 59 -15.24 2.72 -15.50
C THR B 59 -14.71 2.19 -16.83
N ASN B 60 -15.59 2.07 -17.83
CA ASN B 60 -15.20 1.63 -19.18
C ASN B 60 -16.10 2.30 -20.23
N SER B 61 -15.49 3.01 -21.19
CA SER B 61 -16.22 3.72 -22.24
C SER B 61 -16.80 2.76 -23.29
N ILE B 62 -16.28 1.51 -23.35
CA ILE B 62 -16.76 0.49 -24.29
C ILE B 62 -18.20 0.08 -23.97
N GLU B 63 -19.14 0.37 -24.89
CA GLU B 63 -20.55 0.00 -24.71
C GLU B 63 -20.85 -1.31 -25.43
N GLU B 64 -20.41 -1.44 -26.70
CA GLU B 64 -20.56 -2.67 -27.46
C GLU B 64 -19.21 -3.37 -27.61
N PRO B 65 -18.96 -4.45 -26.82
CA PRO B 65 -17.64 -5.10 -26.89
C PRO B 65 -17.40 -5.85 -28.19
N SER B 66 -16.23 -5.60 -28.80
CA SER B 66 -15.79 -6.28 -30.02
C SER B 66 -14.27 -6.35 -30.02
N LEU B 67 -13.69 -7.19 -30.87
CA LEU B 67 -12.25 -7.34 -30.95
C LEU B 67 -11.54 -6.05 -31.40
N LEU B 68 -12.08 -5.38 -32.44
CA LEU B 68 -11.52 -4.12 -32.96
C LEU B 68 -11.67 -2.97 -31.95
N GLU B 69 -12.80 -2.94 -31.20
CA GLU B 69 -13.05 -1.92 -30.17
C GLU B 69 -12.05 -2.07 -29.00
N PHE B 70 -11.79 -3.33 -28.58
CA PHE B 70 -10.83 -3.61 -27.50
C PHE B 70 -9.43 -3.17 -27.88
N ILE B 71 -8.95 -3.58 -29.10
CA ILE B 71 -7.62 -3.22 -29.60
C ILE B 71 -7.44 -1.70 -29.76
N ASP B 72 -8.52 -0.97 -30.15
CA ASP B 72 -8.46 0.50 -30.34
C ASP B 72 -8.25 1.25 -29.01
N LYS B 73 -8.63 0.65 -27.87
CA LYS B 73 -8.48 1.29 -26.55
C LYS B 73 -7.18 0.83 -25.83
N ALA B 74 -6.25 0.18 -26.58
CA ALA B 74 -4.99 -0.34 -25.99
C ALA B 74 -4.07 0.78 -25.52
N ASP B 75 -4.19 1.98 -26.11
CA ASP B 75 -3.37 3.13 -25.74
C ASP B 75 -4.19 4.13 -24.89
N SER B 76 -5.30 3.68 -24.30
CA SER B 76 -6.19 4.51 -23.49
C SER B 76 -5.51 4.97 -22.19
N LEU B 77 -5.99 6.09 -21.61
CA LEU B 77 -5.47 6.56 -20.33
C LEU B 77 -6.05 5.69 -19.20
N ASN B 78 -7.18 5.00 -19.50
CA ASN B 78 -7.85 4.10 -18.57
C ASN B 78 -7.14 2.74 -18.59
N ILE B 79 -6.55 2.34 -17.44
CA ILE B 79 -5.83 1.06 -17.33
C ILE B 79 -6.72 -0.16 -17.65
N ILE B 80 -8.03 -0.09 -17.29
CA ILE B 80 -8.99 -1.18 -17.58
C ILE B 80 -9.11 -1.36 -19.10
N GLU B 81 -9.24 -0.24 -19.85
CA GLU B 81 -9.33 -0.26 -21.31
C GLU B 81 -8.00 -0.72 -21.95
N ARG B 82 -6.84 -0.34 -21.35
CA ARG B 82 -5.52 -0.76 -21.84
C ARG B 82 -5.32 -2.26 -21.67
N THR B 83 -5.59 -2.78 -20.44
CA THR B 83 -5.40 -4.20 -20.12
C THR B 83 -6.26 -5.09 -21.02
N LEU B 84 -7.54 -4.72 -21.24
CA LEU B 84 -8.45 -5.45 -22.14
C LEU B 84 -7.96 -5.35 -23.60
N GLY B 85 -7.35 -4.22 -23.96
CA GLY B 85 -6.79 -3.99 -25.28
C GLY B 85 -5.55 -4.81 -25.55
N VAL B 86 -4.61 -4.84 -24.58
CA VAL B 86 -3.38 -5.63 -24.68
C VAL B 86 -3.70 -7.12 -24.69
N ALA B 87 -4.68 -7.54 -23.85
CA ALA B 87 -5.13 -8.93 -23.84
C ALA B 87 -5.67 -9.32 -25.22
N ALA B 88 -6.43 -8.39 -25.86
CA ALA B 88 -7.00 -8.60 -27.20
C ALA B 88 -5.91 -8.66 -28.27
N ILE B 89 -4.85 -7.80 -28.14
CA ILE B 89 -3.71 -7.83 -29.07
C ILE B 89 -3.00 -9.18 -28.96
N ASN B 90 -2.84 -9.67 -27.73
CA ASN B 90 -2.22 -10.96 -27.46
C ASN B 90 -3.09 -12.12 -27.99
N ALA B 91 -4.44 -11.96 -27.93
CA ALA B 91 -5.39 -12.96 -28.42
C ALA B 91 -5.28 -13.13 -29.93
N VAL B 92 -5.15 -12.01 -30.66
CA VAL B 92 -4.95 -12.01 -32.11
C VAL B 92 -3.56 -12.60 -32.44
N SER B 93 -2.55 -12.23 -31.63
CA SER B 93 -1.17 -12.70 -31.80
C SER B 93 -1.05 -14.22 -31.59
N GLN B 94 -1.71 -14.75 -30.53
CA GLN B 94 -1.66 -16.19 -30.21
C GLN B 94 -2.33 -17.06 -31.28
N TYR B 95 -3.23 -16.46 -32.08
CA TYR B 95 -3.87 -17.14 -33.19
C TYR B 95 -2.89 -17.29 -34.37
N TYR B 96 -2.06 -16.24 -34.60
CA TYR B 96 -1.12 -16.20 -35.73
C TYR B 96 0.35 -16.50 -35.35
N ILE B 97 0.62 -16.75 -34.03
CA ILE B 97 1.99 -17.02 -33.54
C ILE B 97 2.60 -18.29 -34.15
N ASP B 98 3.84 -18.19 -34.63
CA ASP B 98 4.58 -19.35 -35.13
C ASP B 98 5.65 -19.77 -34.10
N LEU B 99 5.38 -20.84 -33.36
CA LEU B 99 6.29 -21.29 -32.30
C LEU B 99 7.00 -22.57 -32.69
N ARG B 100 7.20 -22.78 -34.01
CA ARG B 100 7.79 -24.01 -34.53
C ARG B 100 9.06 -24.41 -33.80
N GLU B 101 10.12 -23.59 -33.89
CA GLU B 101 11.37 -23.88 -33.19
C GLU B 101 11.61 -22.87 -32.06
N ALA B 102 10.64 -22.75 -31.12
CA ALA B 102 10.75 -21.78 -30.01
C ALA B 102 11.61 -22.30 -28.83
N LYS B 103 12.69 -21.54 -28.47
CA LYS B 103 13.64 -21.92 -27.39
C LYS B 103 12.98 -21.84 -26.01
N TRP B 104 13.41 -22.73 -25.08
CA TRP B 104 12.86 -22.76 -23.71
C TRP B 104 13.35 -21.57 -22.88
N THR B 108 16.45 -18.31 -19.84
CA THR B 108 17.38 -18.08 -18.74
C THR B 108 18.84 -18.11 -19.24
N GLU B 109 19.26 -19.23 -19.87
CA GLU B 109 20.60 -19.39 -20.44
C GLU B 109 20.77 -18.51 -21.70
N LEU B 110 19.84 -17.56 -21.91
CA LEU B 110 19.84 -16.64 -23.04
C LEU B 110 20.96 -15.60 -22.92
N ILE B 111 21.46 -15.40 -21.69
CA ILE B 111 22.54 -14.46 -21.42
C ILE B 111 23.92 -15.12 -21.58
N ASP B 114 30.77 -13.31 -20.36
CA ASP B 114 30.82 -13.11 -21.80
C ASP B 114 29.66 -12.24 -22.27
N GLU B 115 29.97 -11.11 -22.97
CA GLU B 115 28.99 -10.15 -23.51
C GLU B 115 28.25 -9.32 -22.43
N ILE B 116 27.63 -10.00 -21.45
CA ILE B 116 26.87 -9.32 -20.41
C ILE B 116 27.56 -9.39 -19.04
N LYS B 117 27.70 -8.23 -18.37
CA LYS B 117 28.30 -8.15 -17.03
C LYS B 117 27.30 -7.60 -16.01
N ARG B 118 26.52 -6.56 -16.40
CA ARG B 118 25.51 -5.96 -15.52
C ARG B 118 24.09 -6.15 -16.08
N ILE B 119 23.16 -6.69 -15.26
CA ILE B 119 21.77 -6.99 -15.67
C ILE B 119 20.77 -6.19 -14.84
N ALA B 120 19.75 -5.60 -15.51
CA ALA B 120 18.66 -4.91 -14.83
C ALA B 120 17.40 -5.75 -14.93
N ILE B 121 16.89 -6.20 -13.78
CA ILE B 121 15.68 -7.02 -13.75
C ILE B 121 14.47 -6.19 -13.27
N ILE B 122 13.54 -5.88 -14.19
CA ILE B 122 12.33 -5.11 -13.88
C ILE B 122 11.19 -6.08 -13.57
N GLY B 123 10.74 -6.06 -12.32
CA GLY B 123 9.76 -7.01 -11.82
C GLY B 123 10.44 -8.15 -11.09
N ASN B 124 10.17 -8.28 -9.78
CA ASN B 124 10.83 -9.29 -8.96
C ASN B 124 10.42 -10.72 -9.32
N PRO B 126 11.79 -14.20 -8.46
CA PRO B 126 12.78 -14.93 -7.65
C PRO B 126 13.60 -16.03 -8.35
N PRO B 127 13.00 -16.96 -9.17
CA PRO B 127 13.83 -17.98 -9.83
C PRO B 127 14.89 -17.39 -10.77
N VAL B 128 14.51 -16.35 -11.56
CA VAL B 128 15.42 -15.68 -12.50
C VAL B 128 16.50 -14.89 -11.74
N VAL B 129 16.10 -14.16 -10.68
CA VAL B 129 17.02 -13.36 -9.86
C VAL B 129 18.08 -14.26 -9.18
N ARG B 130 17.62 -15.35 -8.50
CA ARG B 130 18.51 -16.28 -7.79
C ARG B 130 19.58 -16.88 -8.71
N THR B 131 19.20 -17.22 -9.96
CA THR B 131 20.11 -17.82 -10.93
C THR B 131 21.18 -16.82 -11.43
N LEU B 132 20.78 -15.57 -11.68
CA LEU B 132 21.68 -14.55 -12.25
C LEU B 132 22.52 -13.80 -11.21
N LYS B 133 21.99 -13.66 -9.96
CA LYS B 133 22.69 -12.92 -8.88
C LYS B 133 24.04 -13.56 -8.53
N GLU B 134 24.21 -14.83 -8.86
CA GLU B 134 25.42 -15.59 -8.53
C GLU B 134 26.53 -15.35 -9.54
N LYS B 135 26.18 -15.16 -10.81
CA LYS B 135 27.17 -15.05 -11.89
C LYS B 135 27.31 -13.64 -12.48
N TYR B 136 26.30 -12.76 -12.27
CA TYR B 136 26.31 -11.41 -12.85
C TYR B 136 26.00 -10.33 -11.79
N GLU B 137 26.27 -9.05 -12.13
CA GLU B 137 25.91 -7.92 -11.27
C GLU B 137 24.45 -7.55 -11.57
N VAL B 138 23.54 -7.91 -10.66
CA VAL B 138 22.10 -7.77 -10.89
C VAL B 138 21.48 -6.60 -10.10
N TYR B 139 20.54 -5.86 -10.74
CA TYR B 139 19.78 -4.77 -10.13
C TYR B 139 18.30 -5.05 -10.31
N VAL B 140 17.60 -5.43 -9.22
CA VAL B 140 16.17 -5.77 -9.28
C VAL B 140 15.29 -4.56 -8.90
N PHE B 141 14.29 -4.26 -9.74
CA PHE B 141 13.37 -3.14 -9.51
C PHE B 141 11.94 -3.63 -9.38
N GLU B 142 11.28 -3.29 -8.27
CA GLU B 142 9.90 -3.71 -8.04
C GLU B 142 9.03 -2.53 -7.59
N ARG B 143 7.86 -2.38 -8.22
CA ARG B 143 6.92 -1.30 -7.89
C ARG B 143 5.93 -1.75 -6.79
N ASN B 144 5.45 -3.02 -6.86
CA ASN B 144 4.50 -3.59 -5.90
C ASN B 144 5.20 -3.95 -4.58
N LYS B 146 4.18 -5.94 -2.22
CA LYS B 146 4.02 -7.36 -1.90
C LYS B 146 5.24 -8.17 -2.36
N LEU B 147 5.80 -7.83 -3.54
CA LEU B 147 6.90 -8.57 -4.16
C LEU B 147 8.27 -7.93 -3.81
N TRP B 148 8.41 -7.34 -2.60
CA TRP B 148 9.64 -6.68 -2.18
C TRP B 148 10.60 -7.63 -1.47
N ASP B 149 11.86 -7.66 -1.93
CA ASP B 149 12.92 -8.47 -1.34
C ASP B 149 13.90 -7.59 -0.57
N ARG B 150 14.97 -8.20 -0.04
CA ARG B 150 16.03 -7.48 0.64
C ARG B 150 17.05 -6.92 -0.37
N ASP B 151 16.84 -7.22 -1.68
CA ASP B 151 17.74 -6.77 -2.75
C ASP B 151 17.03 -5.82 -3.74
N THR B 152 15.69 -5.72 -3.67
CA THR B 152 14.91 -4.89 -4.61
C THR B 152 15.11 -3.39 -4.40
N TYR B 153 15.12 -2.62 -5.51
CA TYR B 153 15.20 -1.16 -5.49
C TYR B 153 13.88 -0.56 -5.99
N SER B 154 13.70 0.75 -5.84
CA SER B 154 12.50 1.44 -6.33
C SER B 154 12.50 1.50 -7.87
N ASP B 155 11.33 1.61 -8.49
CA ASP B 155 11.24 1.73 -9.95
C ASP B 155 11.65 3.14 -10.43
N THR B 156 11.76 4.11 -9.49
CA THR B 156 12.20 5.48 -9.80
C THR B 156 13.71 5.51 -10.14
N LEU B 157 14.46 4.45 -9.74
CA LEU B 157 15.90 4.36 -9.97
C LEU B 157 16.21 3.68 -11.31
N GLU B 158 15.18 3.16 -12.01
CA GLU B 158 15.34 2.52 -13.33
C GLU B 158 15.91 3.53 -14.33
N TYR B 159 15.34 4.74 -14.35
CA TYR B 159 15.74 5.83 -15.23
C TYR B 159 17.26 6.10 -15.18
N HIS B 160 17.88 5.89 -14.00
CA HIS B 160 19.29 6.18 -13.79
C HIS B 160 20.20 4.94 -13.95
N ILE B 161 19.67 3.73 -13.68
CA ILE B 161 20.48 2.50 -13.73
C ILE B 161 20.42 1.79 -15.10
N LEU B 162 19.25 1.84 -15.79
CA LEU B 162 19.09 1.23 -17.13
C LEU B 162 20.18 1.64 -18.16
N PRO B 163 20.65 2.93 -18.20
CA PRO B 163 21.70 3.28 -19.18
C PRO B 163 23.07 2.64 -18.90
N GLU B 164 23.23 2.00 -17.71
CA GLU B 164 24.50 1.41 -17.29
C GLU B 164 24.56 -0.12 -17.45
N VAL B 165 23.42 -0.76 -17.78
CA VAL B 165 23.34 -2.22 -17.86
C VAL B 165 23.53 -2.76 -19.29
N ASP B 166 24.07 -3.99 -19.40
CA ASP B 166 24.32 -4.67 -20.68
C ASP B 166 23.11 -5.50 -21.11
N GLY B 167 22.33 -5.97 -20.13
CA GLY B 167 21.16 -6.78 -20.36
C GLY B 167 19.97 -6.35 -19.52
N ILE B 168 18.75 -6.52 -20.08
CA ILE B 168 17.52 -6.15 -19.39
C ILE B 168 16.49 -7.27 -19.45
N ILE B 169 15.99 -7.71 -18.29
CA ILE B 169 14.91 -8.69 -18.22
C ILE B 169 13.70 -8.03 -17.57
N ALA B 170 12.82 -7.47 -18.40
CA ALA B 170 11.66 -6.75 -17.91
C ALA B 170 10.41 -7.59 -17.94
N SER B 171 9.63 -7.55 -16.86
CA SER B 171 8.36 -8.24 -16.77
C SER B 171 7.43 -7.68 -17.83
N ALA B 172 6.76 -8.55 -18.59
CA ALA B 172 5.87 -8.16 -19.69
C ALA B 172 4.74 -7.22 -19.24
N SER B 173 4.57 -7.05 -17.91
CA SER B 173 3.59 -6.10 -17.35
C SER B 173 4.00 -4.65 -17.64
N CYS B 174 5.25 -4.45 -18.14
CA CYS B 174 5.73 -3.12 -18.54
C CYS B 174 5.01 -2.61 -19.79
N ILE B 175 4.27 -3.52 -20.48
CA ILE B 175 3.48 -3.19 -21.67
C ILE B 175 2.12 -2.58 -21.27
N VAL B 176 1.46 -3.13 -20.23
CA VAL B 176 0.16 -2.64 -19.79
C VAL B 176 0.25 -1.30 -19.03
N ASN B 177 1.31 -1.10 -18.20
CA ASN B 177 1.47 0.16 -17.46
C ASN B 177 2.18 1.27 -18.27
N GLY B 178 2.58 0.94 -19.51
CA GLY B 178 3.18 1.89 -20.45
C GLY B 178 4.64 2.23 -20.17
N THR B 179 5.24 1.54 -19.18
CA THR B 179 6.64 1.80 -18.78
C THR B 179 7.66 1.24 -19.78
N LEU B 180 7.19 0.47 -20.79
CA LEU B 180 8.05 -0.10 -21.83
C LEU B 180 8.74 0.98 -22.66
N ASP B 181 8.02 2.08 -23.00
CA ASP B 181 8.58 3.18 -23.79
C ASP B 181 9.78 3.82 -23.10
N ILE B 183 11.70 2.28 -20.53
CA ILE B 183 12.71 1.23 -20.40
C ILE B 183 13.59 1.15 -21.65
N LEU B 184 12.97 1.17 -22.84
CA LEU B 184 13.71 1.10 -24.11
C LEU B 184 14.49 2.38 -24.38
N ASP B 185 13.91 3.56 -24.03
CA ASP B 185 14.59 4.84 -24.21
C ASP B 185 15.84 4.94 -23.34
N ARG B 186 15.78 4.39 -22.11
CA ARG B 186 16.91 4.45 -21.17
C ARG B 186 17.89 3.29 -21.36
N ALA B 187 17.55 2.30 -22.20
CA ALA B 187 18.42 1.16 -22.50
C ALA B 187 19.50 1.58 -23.50
N LYS B 188 20.37 2.52 -23.10
CA LYS B 188 21.40 3.13 -23.96
C LYS B 188 22.48 2.12 -24.39
N LYS B 189 22.94 1.28 -23.45
CA LYS B 189 24.06 0.36 -23.70
C LYS B 189 23.64 -1.15 -23.73
N ALA B 190 22.32 -1.44 -23.56
CA ALA B 190 21.80 -2.82 -23.50
C ALA B 190 21.88 -3.58 -24.84
N LYS B 191 22.61 -4.71 -24.84
CA LYS B 191 22.73 -5.58 -26.01
C LYS B 191 21.63 -6.61 -26.02
N LEU B 192 21.03 -6.89 -24.85
CA LEU B 192 19.96 -7.85 -24.72
C LEU B 192 18.79 -7.25 -23.95
N ILE B 193 17.59 -7.28 -24.55
CA ILE B 193 16.37 -6.83 -23.86
C ILE B 193 15.28 -7.89 -24.00
N VAL B 194 14.96 -8.57 -22.88
CA VAL B 194 13.97 -9.65 -22.88
C VAL B 194 12.69 -9.22 -22.16
N ILE B 195 11.54 -9.30 -22.86
CA ILE B 195 10.24 -9.01 -22.26
C ILE B 195 9.57 -10.34 -21.88
N THR B 196 9.59 -10.67 -20.58
CA THR B 196 9.16 -11.99 -20.10
C THR B 196 7.81 -11.97 -19.35
N GLY B 197 7.00 -13.00 -19.60
CA GLY B 197 5.70 -13.15 -18.94
C GLY B 197 4.54 -13.37 -19.89
N PRO B 198 3.38 -13.85 -19.35
CA PRO B 198 2.20 -14.09 -20.22
C PRO B 198 1.69 -12.86 -20.98
N THR B 199 1.98 -11.63 -20.50
CA THR B 199 1.56 -10.40 -21.17
C THR B 199 2.39 -10.16 -22.46
N GLY B 200 3.49 -10.91 -22.59
CA GLY B 200 4.37 -10.83 -23.77
C GLY B 200 3.95 -11.78 -24.87
N GLN B 201 2.66 -12.14 -24.92
CA GLN B 201 2.11 -13.06 -25.92
C GLN B 201 1.98 -12.42 -27.31
N LEU B 202 2.34 -11.12 -27.45
CA LEU B 202 2.22 -10.40 -28.72
C LEU B 202 3.19 -10.92 -29.79
N LEU B 203 2.89 -10.66 -31.09
CA LEU B 203 3.73 -11.09 -32.19
C LEU B 203 5.07 -10.38 -32.17
N PRO B 204 6.19 -11.09 -32.47
CA PRO B 204 7.51 -10.44 -32.46
C PRO B 204 7.64 -9.35 -33.51
N GLU B 205 6.91 -9.48 -34.64
CA GLU B 205 6.93 -8.49 -35.73
C GLU B 205 6.43 -7.10 -35.28
N PHE B 206 5.61 -7.05 -34.19
CA PHE B 206 5.10 -5.80 -33.64
C PHE B 206 6.21 -4.99 -32.97
N LEU B 207 7.26 -5.69 -32.49
CA LEU B 207 8.38 -5.05 -31.83
C LEU B 207 9.61 -4.89 -32.76
N LYS B 208 9.42 -5.11 -34.08
CA LYS B 208 10.49 -4.92 -35.07
C LYS B 208 10.88 -3.45 -35.12
N GLY B 209 12.18 -3.18 -35.05
CA GLY B 209 12.70 -1.82 -35.05
C GLY B 209 13.03 -1.32 -33.66
N THR B 210 12.31 -1.84 -32.62
CA THR B 210 12.57 -1.44 -31.23
C THR B 210 13.87 -2.08 -30.71
N LYS B 211 14.29 -1.70 -29.49
CA LYS B 211 15.50 -2.25 -28.89
C LYS B 211 15.26 -3.67 -28.31
N VAL B 212 13.97 -4.11 -28.23
CA VAL B 212 13.60 -5.45 -27.72
C VAL B 212 14.25 -6.53 -28.59
N THR B 213 14.97 -7.48 -27.96
CA THR B 213 15.68 -8.54 -28.68
C THR B 213 14.92 -9.86 -28.65
N HIS B 214 14.30 -10.19 -27.51
CA HIS B 214 13.59 -11.47 -27.34
C HIS B 214 12.26 -11.30 -26.65
N LEU B 215 11.33 -12.24 -26.90
CA LEU B 215 10.04 -12.30 -26.22
C LEU B 215 9.90 -13.65 -25.54
N ALA B 216 9.85 -13.65 -24.21
CA ALA B 216 9.69 -14.88 -23.44
C ALA B 216 8.29 -14.94 -22.85
N SER B 217 7.41 -15.77 -23.41
CA SER B 217 6.03 -15.87 -22.94
C SER B 217 5.56 -17.31 -22.88
N LYS B 219 2.22 -20.07 -24.58
CA LYS B 219 1.03 -20.29 -25.39
C LYS B 219 0.10 -21.27 -24.71
N VAL B 220 -1.20 -20.93 -24.62
CA VAL B 220 -2.21 -21.80 -24.00
C VAL B 220 -2.43 -23.06 -24.86
N THR B 221 -2.19 -24.24 -24.27
CA THR B 221 -2.37 -25.53 -24.97
C THR B 221 -3.79 -26.06 -24.82
N ASN B 222 -4.44 -25.80 -23.66
CA ASN B 222 -5.82 -26.19 -23.42
C ASN B 222 -6.61 -24.96 -22.97
N ILE B 223 -7.35 -24.34 -23.90
CA ILE B 223 -8.12 -23.11 -23.65
C ILE B 223 -9.18 -23.30 -22.53
N GLU B 224 -9.95 -24.39 -22.59
CA GLU B 224 -11.01 -24.66 -21.62
C GLU B 224 -10.49 -24.82 -20.18
N LYS B 225 -9.42 -25.63 -20.00
CA LYS B 225 -8.84 -25.85 -18.68
C LYS B 225 -8.16 -24.60 -18.13
N ALA B 226 -7.49 -23.81 -19.00
CA ALA B 226 -6.83 -22.56 -18.60
C ALA B 226 -7.84 -21.50 -18.19
N LEU B 227 -8.99 -21.42 -18.92
CA LEU B 227 -10.06 -20.46 -18.59
C LEU B 227 -10.64 -20.74 -17.22
N VAL B 228 -10.80 -22.03 -16.87
CA VAL B 228 -11.28 -22.45 -15.55
C VAL B 228 -10.30 -21.94 -14.47
N LYS B 229 -8.98 -22.05 -14.75
CA LYS B 229 -7.92 -21.64 -13.83
C LYS B 229 -7.74 -20.12 -13.78
N LEU B 230 -8.04 -19.41 -14.89
CA LEU B 230 -7.99 -17.94 -14.93
C LEU B 230 -9.18 -17.36 -14.14
N LYS B 231 -10.36 -17.97 -14.29
CA LYS B 231 -11.57 -17.56 -13.58
C LYS B 231 -11.47 -17.87 -12.08
N LEU B 232 -10.70 -18.92 -11.71
CA LEU B 232 -10.50 -19.32 -10.31
C LEU B 232 -9.41 -18.48 -9.63
N GLY B 233 -8.66 -17.71 -10.42
CA GLY B 233 -7.61 -16.84 -9.90
C GLY B 233 -6.32 -17.56 -9.57
N SER B 234 -6.03 -18.67 -10.27
CA SER B 234 -4.82 -19.46 -10.05
C SER B 234 -3.82 -19.23 -11.18
N PHE B 235 -2.64 -18.66 -10.85
CA PHE B 235 -1.61 -18.43 -11.85
C PHE B 235 -0.94 -19.74 -12.27
N LYS B 236 -0.56 -20.58 -11.30
CA LYS B 236 0.12 -21.85 -11.57
C LYS B 236 -0.78 -22.83 -12.35
N GLY B 237 -2.08 -22.79 -12.06
CA GLY B 237 -3.07 -23.62 -12.76
C GLY B 237 -3.20 -23.24 -14.22
N PHE B 238 -3.14 -21.92 -14.52
CA PHE B 238 -3.18 -21.41 -15.88
C PHE B 238 -1.82 -21.65 -16.57
N GLU B 239 -0.71 -21.55 -15.81
CA GLU B 239 0.65 -21.76 -16.31
C GLU B 239 0.86 -23.23 -16.73
N SER B 240 0.25 -24.17 -15.99
CA SER B 240 0.35 -25.62 -16.28
C SER B 240 -0.42 -26.02 -17.56
N GLU B 241 -1.36 -25.16 -18.00
CA GLU B 241 -2.14 -25.41 -19.22
C GLU B 241 -1.54 -24.67 -20.41
N SER B 242 -0.26 -24.27 -20.29
CA SER B 242 0.44 -23.53 -21.33
C SER B 242 1.86 -24.07 -21.52
N ILE B 243 2.52 -23.65 -22.62
CA ILE B 243 3.91 -24.01 -22.89
C ILE B 243 4.77 -22.76 -23.01
N LYS B 244 5.81 -22.66 -22.17
CA LYS B 244 6.71 -21.51 -22.16
C LYS B 244 7.56 -21.47 -23.42
N TYR B 245 7.75 -20.26 -24.01
CA TYR B 245 8.52 -20.11 -25.23
C TYR B 245 9.39 -18.85 -25.25
N VAL B 246 10.49 -18.88 -26.02
CA VAL B 246 11.35 -17.72 -26.25
C VAL B 246 11.51 -17.56 -27.75
N ILE B 247 11.08 -16.43 -28.26
CA ILE B 247 11.17 -16.14 -29.67
C ILE B 247 11.95 -14.83 -29.89
N GLU B 248 12.87 -14.83 -30.87
CA GLU B 248 13.73 -13.67 -31.13
C GLU B 248 13.01 -12.63 -31.98
N VAL B 249 13.12 -11.35 -31.59
CA VAL B 249 12.52 -10.25 -32.33
C VAL B 249 13.45 -9.84 -33.50
N GLY C 4 -12.08 1.84 27.77
CA GLY C 4 -11.45 0.84 28.63
C GLY C 4 -10.26 0.17 28.00
N LEU C 6 -6.21 -0.86 27.46
CA LEU C 6 -5.11 -1.29 28.34
C LEU C 6 -4.03 -0.20 28.44
N LEU C 7 -3.80 0.51 27.33
CA LEU C 7 -2.81 1.59 27.26
C LEU C 7 -3.20 2.79 28.14
N SER C 8 -4.51 2.96 28.41
CA SER C 8 -5.02 4.02 29.29
C SER C 8 -4.70 3.70 30.74
N ARG C 9 -4.64 2.39 31.08
CA ARG C 9 -4.32 1.95 32.44
C ARG C 9 -2.81 1.96 32.67
N ILE C 10 -2.02 1.61 31.61
CA ILE C 10 -0.56 1.61 31.69
C ILE C 10 -0.01 3.04 31.89
N LYS C 11 -0.59 4.03 31.17
CA LYS C 11 -0.14 5.43 31.29
C LYS C 11 -0.37 6.01 32.69
N LYS C 12 -1.48 5.59 33.36
CA LYS C 12 -1.79 6.03 34.72
C LYS C 12 -0.73 5.55 35.72
N LYS C 13 -0.25 4.29 35.54
CA LYS C 13 0.80 3.71 36.38
C LYS C 13 2.15 4.38 36.08
N ALA C 14 2.42 4.64 34.77
CA ALA C 14 3.69 5.23 34.31
C ALA C 14 3.87 6.69 34.76
N GLU C 16 2.86 7.96 37.55
CA GLU C 16 3.23 7.94 38.96
C GLU C 16 4.75 7.71 39.11
N LEU C 17 5.37 7.06 38.11
CA LEU C 17 6.81 6.76 38.13
C LEU C 17 7.65 7.86 37.45
N ALA C 18 7.00 8.71 36.63
CA ALA C 18 7.67 9.78 35.91
C ALA C 18 7.76 11.08 36.74
N GLU C 19 7.51 10.98 38.07
CA GLU C 19 7.56 12.14 38.97
C GLU C 19 8.99 12.68 39.17
N ASP C 20 9.98 11.77 39.34
CA ASP C 20 11.37 12.16 39.57
C ASP C 20 12.23 12.11 38.28
N LEU C 21 11.56 12.02 37.11
CA LEU C 21 12.26 11.98 35.82
C LEU C 21 11.93 13.21 34.97
N LYS C 22 12.90 13.65 34.13
CA LYS C 22 12.71 14.81 33.27
C LYS C 22 12.98 14.45 31.81
N LEU C 23 12.28 15.12 30.87
CA LEU C 23 12.48 14.90 29.44
C LEU C 23 13.76 15.61 28.97
N VAL C 24 14.65 14.87 28.28
CA VAL C 24 15.89 15.44 27.75
C VAL C 24 15.73 15.77 26.26
N ASP C 25 15.38 14.76 25.45
CA ASP C 25 15.17 14.91 24.02
C ASP C 25 14.16 13.86 23.52
N PHE C 26 13.62 14.06 22.32
CA PHE C 26 12.63 13.14 21.71
C PHE C 26 12.63 13.31 20.20
N SER C 27 12.00 12.37 19.47
CA SER C 27 11.88 12.44 18.01
C SER C 27 10.89 11.42 17.48
N PHE C 28 9.86 11.88 16.76
CA PHE C 28 8.94 10.99 16.06
C PHE C 28 9.58 10.63 14.71
N GLY C 29 10.47 9.63 14.74
CA GLY C 29 11.26 9.25 13.59
C GLY C 29 11.15 7.80 13.17
N LEU C 30 11.87 7.42 12.09
CA LEU C 30 11.87 6.07 11.55
C LEU C 30 13.24 5.40 11.72
N PRO C 31 13.30 4.07 12.02
CA PRO C 31 12.16 3.14 12.19
C PRO C 31 11.45 3.28 13.54
N TYR C 32 12.10 3.94 14.52
CA TYR C 32 11.56 4.06 15.87
C TYR C 32 11.45 5.48 16.35
N THR C 33 10.37 5.76 17.09
CA THR C 33 10.20 7.00 17.83
C THR C 33 10.89 6.80 19.16
N TRP C 34 11.68 7.78 19.61
CA TRP C 34 12.40 7.63 20.85
C TRP C 34 12.20 8.80 21.81
N VAL C 35 12.33 8.54 23.11
CA VAL C 35 12.24 9.54 24.17
C VAL C 35 13.41 9.35 25.13
N LEU C 36 14.26 10.36 25.27
CA LEU C 36 15.39 10.29 26.20
C LEU C 36 15.05 11.02 27.51
N VAL C 37 15.19 10.31 28.65
CA VAL C 37 14.87 10.87 29.97
C VAL C 37 16.10 10.87 30.89
N GLU C 38 16.05 11.64 31.98
CA GLU C 38 17.17 11.71 32.93
C GLU C 38 16.66 11.78 34.38
N GLY C 39 17.30 11.01 35.25
CA GLY C 39 17.03 10.99 36.68
C GLY C 39 18.29 11.21 37.48
N ILE C 40 18.21 10.99 38.80
CA ILE C 40 19.36 11.16 39.70
C ILE C 40 20.44 10.08 39.44
N GLU C 41 20.02 8.88 39.00
CA GLU C 41 20.93 7.76 38.73
C GLU C 41 21.58 7.83 37.34
N GLY C 42 20.91 8.50 36.41
CA GLY C 42 21.41 8.65 35.05
C GLY C 42 20.33 8.81 34.00
N ARG C 43 20.64 8.45 32.74
CA ARG C 43 19.70 8.57 31.62
C ARG C 43 19.13 7.23 31.18
N ALA C 44 17.97 7.26 30.49
CA ALA C 44 17.31 6.06 29.95
C ALA C 44 16.66 6.37 28.62
N LEU C 45 16.81 5.47 27.64
CA LEU C 45 16.21 5.68 26.32
C LEU C 45 15.08 4.68 26.06
N GLY C 46 13.89 5.22 25.77
CA GLY C 46 12.71 4.42 25.47
C GLY C 46 12.26 4.60 24.03
N VAL C 47 11.90 3.50 23.38
CA VAL C 47 11.51 3.53 21.97
C VAL C 47 10.13 2.92 21.71
N ALA C 48 9.49 3.30 20.60
CA ALA C 48 8.23 2.74 20.14
C ALA C 48 8.27 2.68 18.60
N THR C 50 7.39 3.31 14.98
CA THR C 50 6.61 4.23 14.19
C THR C 50 5.89 3.45 13.08
N LEU C 51 4.57 3.62 12.98
CA LEU C 51 3.77 2.96 11.95
C LEU C 51 3.21 4.03 11.00
N PRO C 52 4.00 4.44 9.97
CA PRO C 52 3.56 5.57 9.12
C PRO C 52 2.25 5.31 8.37
N GLU C 53 1.97 4.02 8.04
CA GLU C 53 0.75 3.64 7.33
C GLU C 53 -0.51 3.93 8.18
N GLU C 54 -0.33 4.12 9.51
CA GLU C 54 -1.42 4.40 10.42
C GLU C 54 -1.66 5.92 10.59
N VAL C 55 -0.67 6.75 10.17
CA VAL C 55 -0.73 8.22 10.34
C VAL C 55 -1.87 8.86 9.55
N GLN C 56 -2.77 9.57 10.25
CA GLN C 56 -3.92 10.26 9.65
C GLN C 56 -3.49 11.64 9.11
N ARG C 57 -3.00 12.52 10.00
CA ARG C 57 -2.48 13.85 9.64
C ARG C 57 -1.22 14.10 10.45
N TYR C 58 -0.23 14.84 9.89
CA TYR C 58 0.96 15.17 10.65
C TYR C 58 0.70 16.34 11.58
N THR C 59 -0.05 16.09 12.66
CA THR C 59 -0.43 17.09 13.65
C THR C 59 -0.14 16.60 15.07
N ASN C 60 0.07 17.53 16.01
CA ASN C 60 0.31 17.20 17.42
C ASN C 60 -0.23 18.30 18.32
N SER C 61 -1.13 17.94 19.26
CA SER C 61 -1.75 18.91 20.19
C SER C 61 -0.77 19.39 21.27
N ILE C 62 0.33 18.64 21.49
CA ILE C 62 1.35 18.99 22.48
C ILE C 62 2.10 20.28 22.07
N GLU C 63 1.95 21.33 22.89
CA GLU C 63 2.62 22.62 22.62
C GLU C 63 3.91 22.71 23.42
N GLU C 64 3.84 22.39 24.73
CA GLU C 64 5.01 22.37 25.60
C GLU C 64 5.40 20.92 25.93
N PRO C 65 6.45 20.37 25.27
CA PRO C 65 6.79 18.96 25.51
C PRO C 65 7.36 18.70 26.89
N SER C 66 6.84 17.67 27.56
CA SER C 66 7.30 17.22 28.86
C SER C 66 7.05 15.72 28.98
N LEU C 67 7.67 15.06 29.96
CA LEU C 67 7.51 13.64 30.16
C LEU C 67 6.06 13.27 30.55
N LEU C 68 5.44 14.03 31.47
CA LEU C 68 4.05 13.78 31.90
C LEU C 68 3.04 14.06 30.77
N GLU C 69 3.31 15.10 29.94
CA GLU C 69 2.46 15.45 28.80
C GLU C 69 2.48 14.34 27.74
N PHE C 70 3.69 13.78 27.45
CA PHE C 70 3.86 12.69 26.49
C PHE C 70 3.08 11.44 26.94
N ILE C 71 3.28 11.02 28.22
CA ILE C 71 2.61 9.83 28.77
C ILE C 71 1.07 9.97 28.80
N ASP C 72 0.56 11.20 29.06
CA ASP C 72 -0.90 11.45 29.09
C ASP C 72 -1.58 11.26 27.73
N LYS C 73 -0.81 11.41 26.63
CA LYS C 73 -1.36 11.26 25.27
C LYS C 73 -1.05 9.86 24.69
N ALA C 74 -0.74 8.87 25.57
CA ALA C 74 -0.45 7.49 25.13
C ALA C 74 -1.70 6.76 24.61
N ASP C 75 -2.89 7.17 25.09
CA ASP C 75 -4.15 6.57 24.67
C ASP C 75 -4.90 7.48 23.66
N SER C 76 -4.17 8.43 23.04
CA SER C 76 -4.73 9.39 22.09
C SER C 76 -5.22 8.70 20.82
N LEU C 77 -6.16 9.32 20.10
CA LEU C 77 -6.63 8.81 18.81
C LEU C 77 -5.57 9.10 17.73
N ASN C 78 -4.69 10.09 18.01
CA ASN C 78 -3.59 10.47 17.13
C ASN C 78 -2.42 9.51 17.34
N ILE C 79 -2.05 8.74 16.28
CA ILE C 79 -0.95 7.77 16.35
C ILE C 79 0.40 8.43 16.73
N ILE C 80 0.64 9.68 16.26
CA ILE C 80 1.87 10.42 16.58
C ILE C 80 1.95 10.66 18.10
N GLU C 81 0.83 11.07 18.72
CA GLU C 81 0.75 11.29 20.16
C GLU C 81 0.87 9.97 20.94
N ARG C 82 0.30 8.86 20.41
CA ARG C 82 0.40 7.52 21.03
C ARG C 82 1.83 7.02 21.02
N THR C 83 2.48 7.05 19.83
CA THR C 83 3.84 6.55 19.67
C THR C 83 4.82 7.30 20.58
N LEU C 84 4.71 8.65 20.66
CA LEU C 84 5.55 9.47 21.54
C LEU C 84 5.25 9.15 23.03
N GLY C 85 3.98 8.82 23.31
CA GLY C 85 3.54 8.45 24.65
C GLY C 85 4.06 7.11 25.10
N VAL C 86 3.97 6.08 24.20
CA VAL C 86 4.48 4.73 24.47
C VAL C 86 6.00 4.75 24.60
N ALA C 87 6.68 5.54 23.74
CA ALA C 87 8.14 5.70 23.79
C ALA C 87 8.56 6.34 25.11
N ALA C 88 7.71 7.25 25.66
CA ALA C 88 7.94 7.91 26.95
C ALA C 88 7.69 6.94 28.11
N ILE C 89 6.63 6.06 28.00
CA ILE C 89 6.34 5.03 29.01
C ILE C 89 7.52 4.05 29.08
N ASN C 90 8.07 3.67 27.91
CA ASN C 90 9.22 2.79 27.82
C ASN C 90 10.48 3.44 28.39
N ALA C 91 10.62 4.78 28.20
CA ALA C 91 11.77 5.55 28.71
C ALA C 91 11.78 5.57 30.24
N VAL C 92 10.60 5.75 30.86
CA VAL C 92 10.45 5.71 32.32
C VAL C 92 10.70 4.28 32.81
N SER C 93 10.19 3.27 32.06
CA SER C 93 10.33 1.85 32.38
C SER C 93 11.79 1.41 32.34
N GLN C 94 12.55 1.83 31.31
CA GLN C 94 13.96 1.45 31.13
C GLN C 94 14.86 2.02 32.24
N TYR C 95 14.39 3.11 32.90
CA TYR C 95 15.11 3.70 34.02
C TYR C 95 14.93 2.85 35.28
N TYR C 96 13.70 2.29 35.47
CA TYR C 96 13.36 1.52 36.67
C TYR C 96 13.36 -0.01 36.46
N ILE C 97 13.64 -0.48 35.23
CA ILE C 97 13.62 -1.92 34.91
C ILE C 97 14.63 -2.73 35.73
N ASP C 98 14.15 -3.83 36.36
CA ASP C 98 14.99 -4.74 37.14
C ASP C 98 15.16 -6.04 36.35
N LEU C 99 16.37 -6.27 35.82
CA LEU C 99 16.62 -7.44 34.97
C LEU C 99 17.43 -8.52 35.70
N ARG C 100 17.29 -8.60 37.03
CA ARG C 100 17.97 -9.62 37.85
C ARG C 100 17.50 -11.03 37.47
N GLU C 101 16.17 -11.22 37.35
CA GLU C 101 15.59 -12.51 36.99
C GLU C 101 15.15 -12.56 35.52
N ALA C 102 15.81 -11.76 34.68
CA ALA C 102 15.57 -11.77 33.25
C ALA C 102 16.35 -12.88 32.60
N LYS C 103 15.73 -13.59 31.66
CA LYS C 103 16.38 -14.68 30.94
C LYS C 103 17.03 -14.16 29.64
N TRP C 104 18.32 -14.49 29.43
CA TRP C 104 19.05 -14.07 28.23
C TRP C 104 18.90 -15.16 27.16
N ILE C 105 17.65 -15.40 26.71
CA ILE C 105 17.33 -16.45 25.74
C ILE C 105 16.56 -15.87 24.54
N ASP C 106 16.37 -16.71 23.50
CA ASP C 106 15.58 -16.33 22.33
C ASP C 106 14.12 -16.67 22.57
N VAL C 107 13.20 -15.99 21.85
CA VAL C 107 11.75 -16.22 21.98
C VAL C 107 11.39 -17.68 21.62
N THR C 108 12.13 -18.27 20.64
CA THR C 108 11.88 -19.64 20.16
C THR C 108 12.07 -20.69 21.25
N GLU C 109 13.14 -20.57 22.07
CA GLU C 109 13.44 -21.56 23.12
C GLU C 109 12.50 -21.44 24.34
N LEU C 110 11.65 -20.39 24.37
CA LEU C 110 10.71 -20.15 25.46
C LEU C 110 9.48 -21.07 25.37
N ILE C 111 9.00 -21.35 24.14
CA ILE C 111 7.84 -22.21 23.94
C ILE C 111 8.21 -23.71 24.11
N GLN C 112 7.28 -24.50 24.66
CA GLN C 112 7.53 -25.92 24.93
C GLN C 112 6.60 -26.85 24.14
N GLN C 113 7.15 -27.97 23.60
CA GLN C 113 6.36 -28.95 22.85
C GLN C 113 5.43 -29.75 23.77
N ASP C 114 5.70 -29.71 25.11
CA ASP C 114 4.94 -30.42 26.13
C ASP C 114 3.42 -30.18 26.01
N GLU C 115 3.03 -28.91 25.83
CA GLU C 115 1.60 -28.55 25.77
C GLU C 115 1.24 -27.75 24.51
N ILE C 116 2.08 -26.76 24.13
CA ILE C 116 1.83 -25.88 22.98
C ILE C 116 1.91 -26.66 21.63
N LYS C 117 0.75 -26.81 20.94
CA LYS C 117 0.68 -27.51 19.66
C LYS C 117 0.45 -26.55 18.49
N ARG C 118 -0.26 -25.43 18.74
CA ARG C 118 -0.56 -24.42 17.70
C ARG C 118 -0.02 -23.06 18.10
N ILE C 119 0.69 -22.36 17.17
CA ILE C 119 1.26 -21.04 17.48
C ILE C 119 0.75 -19.96 16.52
N ALA C 120 0.34 -18.79 17.08
CA ALA C 120 -0.05 -17.64 16.26
C ALA C 120 1.02 -16.58 16.36
N ILE C 121 1.66 -16.26 15.22
CA ILE C 121 2.71 -15.25 15.19
C ILE C 121 2.20 -13.94 14.56
N ILE C 122 2.02 -12.90 15.39
CA ILE C 122 1.56 -11.59 14.94
C ILE C 122 2.77 -10.69 14.64
N GLY C 123 2.95 -10.36 13.36
CA GLY C 123 4.12 -9.65 12.89
C GLY C 123 5.14 -10.61 12.32
N ASN C 124 5.43 -10.48 11.01
CA ASN C 124 6.33 -11.41 10.32
C ASN C 124 7.78 -11.29 10.80
N PRO C 126 10.93 -13.44 10.33
CA PRO C 126 11.47 -14.63 9.63
C PRO C 126 12.31 -15.61 10.48
N PRO C 127 13.29 -15.17 11.33
CA PRO C 127 14.05 -16.16 12.12
C PRO C 127 13.17 -16.99 13.08
N VAL C 128 12.19 -16.33 13.74
CA VAL C 128 11.27 -16.99 14.67
C VAL C 128 10.31 -17.94 13.91
N VAL C 129 9.78 -17.46 12.76
CA VAL C 129 8.87 -18.25 11.93
C VAL C 129 9.55 -19.52 11.38
N ARG C 130 10.76 -19.36 10.78
CA ARG C 130 11.52 -20.48 10.21
C ARG C 130 11.80 -21.60 11.23
N THR C 131 12.11 -21.22 12.48
CA THR C 131 12.43 -22.17 13.56
C THR C 131 11.20 -22.98 13.98
N LEU C 132 10.04 -22.31 14.12
CA LEU C 132 8.83 -22.94 14.64
C LEU C 132 8.00 -23.66 13.57
N LYS C 133 8.04 -23.16 12.31
CA LYS C 133 7.25 -23.75 11.20
C LYS C 133 7.58 -25.23 10.94
N GLU C 134 8.79 -25.67 11.33
CA GLU C 134 9.23 -27.06 11.09
C GLU C 134 8.86 -28.04 12.21
N LYS C 135 8.47 -27.53 13.40
CA LYS C 135 8.12 -28.40 14.54
C LYS C 135 6.68 -28.17 15.04
N TYR C 136 6.08 -27.00 14.73
CA TYR C 136 4.73 -26.66 15.21
C TYR C 136 3.80 -26.20 14.09
N GLU C 137 2.49 -26.15 14.36
CA GLU C 137 1.50 -25.62 13.43
C GLU C 137 1.46 -24.11 13.60
N VAL C 138 2.07 -23.36 12.67
CA VAL C 138 2.24 -21.92 12.80
C VAL C 138 1.29 -21.13 11.88
N TYR C 139 0.74 -20.01 12.41
CA TYR C 139 -0.11 -19.09 11.66
C TYR C 139 0.48 -17.68 11.77
N VAL C 140 1.07 -17.18 10.67
CA VAL C 140 1.71 -15.85 10.67
C VAL C 140 0.75 -14.78 10.13
N PHE C 141 0.61 -13.66 10.87
CA PHE C 141 -0.27 -12.56 10.48
C PHE C 141 0.53 -11.28 10.30
N GLU C 142 0.43 -10.67 9.12
CA GLU C 142 1.14 -9.43 8.83
C GLU C 142 0.22 -8.38 8.21
N ARG C 143 0.27 -7.15 8.72
CA ARG C 143 -0.55 -6.04 8.23
C ARG C 143 0.19 -5.26 7.10
N ASN C 144 1.53 -5.07 7.27
CA ASN C 144 2.35 -4.35 6.29
C ASN C 144 2.66 -5.23 5.07
N LYS C 146 5.03 -4.89 2.87
CA LYS C 146 6.48 -5.06 2.70
C LYS C 146 6.96 -6.40 3.29
N LEU C 147 6.37 -6.83 4.44
CA LEU C 147 6.77 -8.07 5.12
C LEU C 147 5.84 -9.25 4.77
N TRP C 148 5.48 -9.41 3.48
CA TRP C 148 4.60 -10.49 3.04
C TRP C 148 5.37 -11.68 2.46
N ASP C 149 5.24 -12.86 3.10
CA ASP C 149 5.91 -14.11 2.68
C ASP C 149 4.94 -15.00 1.89
N ARG C 150 5.30 -16.28 1.76
CA ARG C 150 4.47 -17.29 1.09
C ARG C 150 3.59 -18.01 2.14
N ASP C 151 3.76 -17.67 3.44
CA ASP C 151 3.01 -18.27 4.53
C ASP C 151 2.15 -17.23 5.29
N THR C 152 2.48 -15.91 5.14
CA THR C 152 1.79 -14.81 5.84
C THR C 152 0.29 -14.68 5.49
N TYR C 153 -0.56 -14.34 6.49
CA TYR C 153 -2.01 -14.13 6.29
C TYR C 153 -2.41 -12.71 6.69
N SER C 154 -3.70 -12.35 6.44
CA SER C 154 -4.22 -11.03 6.80
C SER C 154 -4.43 -10.91 8.30
N ASP C 155 -4.36 -9.68 8.84
CA ASP C 155 -4.59 -9.46 10.27
C ASP C 155 -6.09 -9.53 10.63
N THR C 156 -6.98 -9.53 9.62
CA THR C 156 -8.43 -9.64 9.82
C THR C 156 -8.82 -11.07 10.26
N LEU C 157 -7.92 -12.05 10.02
CA LEU C 157 -8.14 -13.45 10.38
C LEU C 157 -7.65 -13.77 11.79
N GLU C 158 -6.98 -12.80 12.46
CA GLU C 158 -6.50 -12.97 13.85
C GLU C 158 -7.68 -13.23 14.77
N TYR C 159 -8.75 -12.43 14.64
CA TYR C 159 -9.96 -12.54 15.44
C TYR C 159 -10.53 -13.98 15.47
N HIS C 160 -10.38 -14.72 14.35
CA HIS C 160 -10.93 -16.08 14.22
C HIS C 160 -9.93 -17.18 14.56
N ILE C 161 -8.62 -16.93 14.36
CA ILE C 161 -7.58 -17.94 14.57
C ILE C 161 -6.97 -17.92 16.01
N LEU C 162 -6.85 -16.71 16.61
CA LEU C 162 -6.31 -16.57 17.98
C LEU C 162 -7.01 -17.47 19.04
N PRO C 163 -8.37 -17.67 19.00
CA PRO C 163 -9.02 -18.55 20.00
C PRO C 163 -8.65 -20.03 19.85
N GLU C 164 -7.98 -20.40 18.73
CA GLU C 164 -7.63 -21.81 18.46
C GLU C 164 -6.17 -22.17 18.76
N VAL C 165 -5.32 -21.15 19.07
CA VAL C 165 -3.89 -21.36 19.30
C VAL C 165 -3.53 -21.53 20.79
N ASP C 166 -2.47 -22.32 21.07
CA ASP C 166 -2.00 -22.56 22.44
C ASP C 166 -0.91 -21.56 22.86
N GLY C 167 -0.22 -20.99 21.87
CA GLY C 167 0.82 -20.00 22.08
C GLY C 167 0.74 -18.82 21.14
N ILE C 168 1.09 -17.62 21.64
CA ILE C 168 1.06 -16.38 20.83
C ILE C 168 2.37 -15.62 20.94
N ILE C 169 3.00 -15.32 19.78
CA ILE C 169 4.19 -14.47 19.72
C ILE C 169 3.84 -13.20 18.96
N ALA C 170 3.49 -12.15 19.69
CA ALA C 170 3.01 -10.91 19.08
C ALA C 170 4.08 -9.85 19.07
N SER C 171 4.28 -9.19 17.92
CA SER C 171 5.21 -8.08 17.82
C SER C 171 4.75 -6.97 18.76
N ALA C 172 5.70 -6.39 19.54
CA ALA C 172 5.39 -5.35 20.54
C ALA C 172 4.73 -4.11 19.92
N SER C 173 4.71 -4.03 18.56
CA SER C 173 4.03 -2.94 17.85
C SER C 173 2.52 -3.00 18.04
N CYS C 174 2.02 -4.11 18.62
CA CYS C 174 0.60 -4.28 18.92
C CYS C 174 0.17 -3.33 20.05
N ILE C 175 1.15 -2.74 20.75
CA ILE C 175 0.89 -1.80 21.83
C ILE C 175 0.61 -0.40 21.26
N VAL C 176 1.37 0.02 20.23
CA VAL C 176 1.17 1.35 19.62
C VAL C 176 -0.12 1.46 18.78
N ASN C 177 -0.44 0.42 17.96
CA ASN C 177 -1.65 0.48 17.11
C ASN C 177 -2.96 0.08 17.85
N GLY C 178 -2.83 -0.34 19.10
CA GLY C 178 -3.98 -0.67 19.94
C GLY C 178 -4.61 -2.02 19.65
N THR C 179 -3.88 -2.91 18.93
CA THR C 179 -4.40 -4.25 18.64
C THR C 179 -4.21 -5.22 19.83
N LEU C 180 -3.39 -4.82 20.84
CA LEU C 180 -3.11 -5.67 22.01
C LEU C 180 -4.38 -6.06 22.78
N ASP C 181 -5.31 -5.11 22.97
CA ASP C 181 -6.57 -5.33 23.67
C ASP C 181 -7.40 -6.45 23.01
N ILE C 183 -6.12 -8.86 20.76
CA ILE C 183 -5.30 -10.07 20.80
C ILE C 183 -5.49 -10.84 22.11
N LEU C 184 -5.46 -10.12 23.25
CA LEU C 184 -5.64 -10.75 24.57
C LEU C 184 -7.08 -11.23 24.78
N ASP C 185 -8.08 -10.47 24.30
CA ASP C 185 -9.49 -10.86 24.39
C ASP C 185 -9.77 -12.14 23.59
N ARG C 186 -9.13 -12.29 22.42
CA ARG C 186 -9.34 -13.46 21.56
C ARG C 186 -8.42 -14.63 21.92
N ALA C 187 -7.44 -14.42 22.83
CA ALA C 187 -6.54 -15.48 23.29
C ALA C 187 -7.26 -16.38 24.32
N LYS C 188 -8.32 -17.07 23.88
CA LYS C 188 -9.19 -17.90 24.73
C LYS C 188 -8.47 -19.12 25.34
N LYS C 189 -7.67 -19.82 24.52
CA LYS C 189 -7.04 -21.09 24.89
C LYS C 189 -5.51 -20.96 25.05
N ALA C 190 -4.96 -19.76 24.80
CA ALA C 190 -3.52 -19.52 24.86
C ALA C 190 -2.97 -19.61 26.28
N LYS C 191 -1.92 -20.44 26.47
CA LYS C 191 -1.24 -20.59 27.76
C LYS C 191 0.08 -19.82 27.79
N LEU C 192 0.55 -19.38 26.60
CA LEU C 192 1.77 -18.59 26.51
C LEU C 192 1.58 -17.42 25.56
N ILE C 193 1.73 -16.18 26.08
CA ILE C 193 1.60 -14.98 25.26
C ILE C 193 2.85 -14.12 25.42
N VAL C 194 3.67 -14.03 24.36
CA VAL C 194 4.92 -13.28 24.38
C VAL C 194 4.83 -12.02 23.54
N ILE C 195 5.10 -10.85 24.14
CA ILE C 195 5.13 -9.57 23.44
C ILE C 195 6.59 -9.23 23.15
N THR C 196 7.02 -9.43 21.89
CA THR C 196 8.44 -9.30 21.51
C THR C 196 8.75 -8.04 20.68
N GLY C 197 9.88 -7.40 20.98
CA GLY C 197 10.34 -6.23 20.24
C GLY C 197 10.73 -5.05 21.11
N PRO C 198 11.46 -4.06 20.53
CA PRO C 198 11.87 -2.87 21.32
C PRO C 198 10.72 -2.05 21.93
N THR C 199 9.50 -2.15 21.35
CA THR C 199 8.33 -1.43 21.88
C THR C 199 7.84 -2.07 23.20
N GLY C 200 8.34 -3.28 23.50
CA GLY C 200 8.00 -4.01 24.71
C GLY C 200 8.93 -3.71 25.88
N GLN C 201 9.53 -2.49 25.89
CA GLN C 201 10.47 -2.06 26.96
C GLN C 201 9.74 -1.68 28.26
N LEU C 202 8.39 -1.56 28.20
CA LEU C 202 7.58 -1.22 29.37
C LEU C 202 7.79 -2.22 30.54
N LEU C 203 7.54 -1.76 31.78
CA LEU C 203 7.70 -2.59 32.97
C LEU C 203 6.73 -3.76 32.97
N PRO C 204 7.18 -4.97 33.41
CA PRO C 204 6.26 -6.13 33.44
C PRO C 204 5.07 -5.93 34.39
N GLU C 205 5.26 -5.13 35.46
CA GLU C 205 4.21 -4.84 36.45
C GLU C 205 2.99 -4.14 35.83
N PHE C 206 3.21 -3.44 34.68
CA PHE C 206 2.13 -2.74 33.96
C PHE C 206 1.18 -3.74 33.32
N LEU C 207 1.67 -4.94 32.99
CA LEU C 207 0.86 -5.98 32.35
C LEU C 207 0.37 -7.06 33.35
N LYS C 208 0.54 -6.79 34.67
CA LYS C 208 0.05 -7.71 35.71
C LYS C 208 -1.48 -7.80 35.64
N GLY C 209 -1.98 -9.02 35.66
CA GLY C 209 -3.42 -9.25 35.56
C GLY C 209 -3.87 -9.63 34.16
N THR C 210 -3.13 -9.14 33.13
CA THR C 210 -3.45 -9.47 31.73
C THR C 210 -3.04 -10.91 31.40
N LYS C 211 -3.40 -11.39 30.19
CA LYS C 211 -3.06 -12.74 29.75
C LYS C 211 -1.58 -12.84 29.29
N VAL C 212 -0.88 -11.68 29.14
CA VAL C 212 0.54 -11.63 28.75
C VAL C 212 1.40 -12.41 29.78
N THR C 213 2.21 -13.38 29.29
CA THR C 213 3.05 -14.21 30.17
C THR C 213 4.50 -13.72 30.22
N HIS C 214 5.04 -13.28 29.08
CA HIS C 214 6.44 -12.86 28.98
C HIS C 214 6.60 -11.58 28.19
N LEU C 215 7.68 -10.84 28.44
CA LEU C 215 8.06 -9.66 27.68
C LEU C 215 9.46 -9.84 27.13
N ALA C 216 9.58 -9.95 25.80
CA ALA C 216 10.88 -10.10 25.15
C ALA C 216 11.28 -8.78 24.47
N SER C 217 12.21 -8.05 25.08
CA SER C 217 12.62 -6.74 24.57
C SER C 217 14.14 -6.56 24.64
N LYS C 219 17.36 -3.70 26.25
CA LYS C 219 17.77 -2.51 26.99
C LYS C 219 18.98 -1.88 26.32
N VAL C 220 18.93 -0.55 26.07
CA VAL C 220 20.03 0.18 25.45
C VAL C 220 21.26 0.21 26.39
N THR C 221 22.40 -0.34 25.93
CA THR C 221 23.65 -0.37 26.71
C THR C 221 24.48 0.91 26.50
N ASN C 222 24.44 1.47 25.28
CA ASN C 222 25.14 2.71 24.95
C ASN C 222 24.15 3.69 24.34
N ILE C 223 23.65 4.65 25.16
CA ILE C 223 22.64 5.62 24.73
C ILE C 223 23.13 6.51 23.56
N GLU C 224 24.36 7.02 23.66
CA GLU C 224 24.94 7.91 22.64
C GLU C 224 25.05 7.24 21.27
N LYS C 225 25.61 6.01 21.23
CA LYS C 225 25.79 5.26 19.98
C LYS C 225 24.45 4.83 19.38
N ALA C 226 23.49 4.43 20.23
CA ALA C 226 22.16 4.01 19.76
C ALA C 226 21.37 5.18 19.18
N LEU C 227 21.49 6.38 19.81
CA LEU C 227 20.82 7.58 19.32
C LEU C 227 21.31 7.94 17.93
N VAL C 228 22.63 7.83 17.70
CA VAL C 228 23.23 8.07 16.39
C VAL C 228 22.60 7.14 15.34
N LYS C 229 22.39 5.85 15.73
CA LYS C 229 21.82 4.82 14.86
C LYS C 229 20.31 4.96 14.68
N LEU C 230 19.62 5.51 15.70
CA LEU C 230 18.16 5.78 15.61
C LEU C 230 17.91 6.97 14.69
N LYS C 231 18.75 8.03 14.80
CA LYS C 231 18.67 9.22 13.96
C LYS C 231 19.06 8.91 12.50
N LEU C 232 19.94 7.90 12.29
CA LEU C 232 20.37 7.49 10.95
C LEU C 232 19.35 6.56 10.28
N GLY C 233 18.41 6.04 11.05
CA GLY C 233 17.37 5.16 10.55
C GLY C 233 17.83 3.72 10.37
N SER C 234 18.78 3.27 11.20
CA SER C 234 19.31 1.90 11.14
C SER C 234 18.77 1.07 12.31
N PHE C 235 17.98 0.02 12.02
CA PHE C 235 17.46 -0.85 13.08
C PHE C 235 18.55 -1.73 13.69
N LYS C 236 19.35 -2.40 12.83
CA LYS C 236 20.43 -3.29 13.29
C LYS C 236 21.51 -2.54 14.07
N GLY C 237 21.79 -1.29 13.67
CA GLY C 237 22.75 -0.42 14.35
C GLY C 237 22.31 -0.08 15.76
N PHE C 238 21.00 0.17 15.94
CA PHE C 238 20.40 0.45 17.24
C PHE C 238 20.29 -0.85 18.06
N GLU C 239 20.00 -1.98 17.39
CA GLU C 239 19.87 -3.30 18.02
C GLU C 239 21.21 -3.78 18.57
N SER C 240 22.33 -3.45 17.88
CA SER C 240 23.68 -3.85 18.30
C SER C 240 24.15 -3.06 19.53
N GLU C 241 23.50 -1.91 19.83
CA GLU C 241 23.84 -1.10 21.00
C GLU C 241 22.90 -1.41 22.18
N SER C 242 22.24 -2.59 22.11
CA SER C 242 21.29 -3.02 23.14
C SER C 242 21.49 -4.49 23.50
N ILE C 243 20.88 -4.94 24.62
CA ILE C 243 20.91 -6.35 25.03
C ILE C 243 19.51 -6.91 25.14
N LYS C 244 19.24 -8.00 24.41
CA LYS C 244 17.93 -8.65 24.41
C LYS C 244 17.69 -9.41 25.73
N TYR C 245 16.47 -9.28 26.29
CA TYR C 245 16.11 -9.96 27.53
C TYR C 245 14.70 -10.55 27.44
N VAL C 246 14.43 -11.57 28.27
CA VAL C 246 13.10 -12.15 28.38
C VAL C 246 12.70 -12.12 29.84
N ILE C 247 11.73 -11.27 30.19
CA ILE C 247 11.29 -11.13 31.57
C ILE C 247 9.85 -11.65 31.72
N GLU C 248 9.59 -12.45 32.75
CA GLU C 248 8.27 -13.04 32.98
C GLU C 248 7.32 -12.05 33.66
N VAL C 249 6.10 -11.91 33.11
CA VAL C 249 5.08 -11.01 33.65
C VAL C 249 4.32 -11.69 34.81
N LEU D 6 21.09 14.21 -11.73
CA LEU D 6 21.22 15.64 -11.41
C LEU D 6 21.65 15.83 -9.96
N LEU D 7 21.15 14.96 -9.05
CA LEU D 7 21.46 14.98 -7.63
C LEU D 7 22.96 14.69 -7.37
N SER D 8 23.60 13.96 -8.31
CA SER D 8 25.03 13.65 -8.21
C SER D 8 25.87 14.90 -8.54
N ARG D 9 25.34 15.78 -9.38
CA ARG D 9 26.01 17.03 -9.75
C ARG D 9 25.77 18.10 -8.69
N ILE D 10 24.55 18.11 -8.08
CA ILE D 10 24.20 19.06 -7.02
C ILE D 10 25.05 18.82 -5.76
N LYS D 11 25.28 17.54 -5.39
CA LYS D 11 26.07 17.19 -4.20
C LYS D 11 27.53 17.63 -4.34
N LYS D 12 28.09 17.57 -5.58
CA LYS D 12 29.47 17.99 -5.85
C LYS D 12 29.65 19.48 -5.57
N LYS D 13 28.66 20.32 -5.98
CA LYS D 13 28.70 21.76 -5.75
C LYS D 13 28.41 22.09 -4.28
N ALA D 14 27.49 21.32 -3.63
CA ALA D 14 27.14 21.52 -2.22
C ALA D 14 28.31 21.18 -1.28
N GLU D 16 31.45 21.64 -1.86
CA GLU D 16 32.41 22.76 -1.95
C GLU D 16 31.99 23.89 -1.00
N LEU D 17 30.69 24.00 -0.71
CA LEU D 17 30.15 25.05 0.15
C LEU D 17 30.04 24.61 1.62
N ALA D 18 30.18 23.29 1.88
CA ALA D 18 30.08 22.74 3.23
C ALA D 18 31.44 22.73 3.95
N GLU D 19 32.49 23.28 3.31
CA GLU D 19 33.86 23.29 3.85
C GLU D 19 33.95 24.06 5.17
N ASP D 20 33.29 25.23 5.27
CA ASP D 20 33.33 26.08 6.46
C ASP D 20 32.11 25.82 7.39
N LEU D 21 31.35 24.74 7.12
CA LEU D 21 30.18 24.39 7.92
C LEU D 21 30.38 23.06 8.65
N LYS D 22 29.70 22.90 9.82
CA LYS D 22 29.81 21.68 10.62
C LYS D 22 28.42 21.13 10.98
N LEU D 23 28.30 19.80 11.09
CA LEU D 23 27.04 19.15 11.47
C LEU D 23 26.79 19.30 12.97
N VAL D 24 25.61 19.81 13.34
CA VAL D 24 25.22 19.97 14.75
C VAL D 24 24.35 18.80 15.20
N ASP D 25 23.22 18.59 14.50
CA ASP D 25 22.28 17.52 14.80
C ASP D 25 21.53 17.09 13.52
N PHE D 26 20.89 15.92 13.55
CA PHE D 26 20.12 15.40 12.41
C PHE D 26 19.09 14.39 12.89
N SER D 27 18.13 14.00 12.01
CA SER D 27 17.12 13.01 12.33
C SER D 27 16.37 12.57 11.08
N PHE D 28 16.37 11.25 10.79
CA PHE D 28 15.55 10.69 9.72
C PHE D 28 14.16 10.43 10.30
N GLY D 29 13.35 11.48 10.33
CA GLY D 29 12.05 11.44 11.00
C GLY D 29 10.88 11.85 10.15
N LEU D 30 9.68 11.84 10.74
CA LEU D 30 8.43 12.19 10.06
C LEU D 30 7.82 13.47 10.64
N PRO D 31 7.22 14.35 9.80
CA PRO D 31 7.05 14.22 8.34
C PRO D 31 8.31 14.52 7.54
N TYR D 32 9.29 15.20 8.17
CA TYR D 32 10.50 15.62 7.49
C TYR D 32 11.76 15.14 8.14
N THR D 33 12.76 14.79 7.31
CA THR D 33 14.12 14.53 7.75
C THR D 33 14.82 15.88 7.81
N TRP D 34 15.55 16.15 8.89
CA TRP D 34 16.21 17.44 9.03
C TRP D 34 17.67 17.32 9.36
N VAL D 35 18.45 18.33 8.96
CA VAL D 35 19.89 18.41 9.25
C VAL D 35 20.19 19.83 9.77
N LEU D 36 20.73 19.94 11.01
CA LEU D 36 21.08 21.23 11.61
C LEU D 36 22.59 21.49 11.48
N VAL D 37 22.96 22.60 10.81
CA VAL D 37 24.37 22.94 10.60
C VAL D 37 24.73 24.27 11.27
N GLU D 38 26.05 24.52 11.45
CA GLU D 38 26.52 25.77 12.06
C GLU D 38 27.77 26.30 11.36
N GLY D 39 27.78 27.60 11.14
CA GLY D 39 28.91 28.31 10.57
C GLY D 39 29.35 29.47 11.43
N ILE D 40 30.22 30.33 10.89
CA ILE D 40 30.71 31.49 11.62
C ILE D 40 29.60 32.57 11.80
N GLU D 41 28.62 32.61 10.88
CA GLU D 41 27.52 33.58 10.94
C GLU D 41 26.35 33.10 11.79
N GLY D 42 26.23 31.78 11.99
CA GLY D 42 25.17 31.20 12.79
C GLY D 42 24.75 29.80 12.35
N ARG D 43 23.50 29.40 12.68
CA ARG D 43 22.97 28.07 12.34
C ARG D 43 21.96 28.10 11.18
N ALA D 44 21.76 26.95 10.53
CA ALA D 44 20.79 26.81 9.44
C ALA D 44 20.15 25.43 9.48
N LEU D 45 18.84 25.36 9.25
CA LEU D 45 18.12 24.09 9.28
C LEU D 45 17.62 23.71 7.90
N GLY D 46 18.08 22.56 7.42
CA GLY D 46 17.65 22.01 6.14
C GLY D 46 16.73 20.81 6.34
N VAL D 47 15.71 20.70 5.47
CA VAL D 47 14.75 19.59 5.57
C VAL D 47 14.56 18.88 4.23
N ALA D 48 14.16 17.61 4.30
CA ALA D 48 13.81 16.79 3.13
C ALA D 48 12.65 15.89 3.51
N THR D 50 10.43 12.87 4.14
CA THR D 50 10.59 11.43 4.33
C THR D 50 9.47 10.71 3.60
N LEU D 51 9.83 9.74 2.76
CA LEU D 51 8.85 8.96 2.00
C LEU D 51 8.90 7.52 2.49
N PRO D 52 8.16 7.19 3.58
CA PRO D 52 8.24 5.83 4.15
C PRO D 52 7.80 4.73 3.20
N GLU D 53 6.87 5.04 2.27
CA GLU D 53 6.40 4.08 1.26
C GLU D 53 7.54 3.64 0.30
N GLU D 54 8.64 4.42 0.25
CA GLU D 54 9.80 4.13 -0.59
C GLU D 54 10.86 3.32 0.17
N VAL D 55 10.75 3.27 1.52
CA VAL D 55 11.71 2.55 2.36
C VAL D 55 11.46 1.05 2.28
N GLN D 56 12.47 0.29 1.81
CA GLN D 56 12.37 -1.17 1.71
C GLN D 56 13.10 -1.82 2.87
N ARG D 57 14.17 -1.16 3.36
CA ARG D 57 14.98 -1.66 4.47
C ARG D 57 15.41 -0.49 5.35
N TYR D 58 15.54 -0.70 6.67
CA TYR D 58 16.02 0.33 7.58
C TYR D 58 17.50 0.14 7.87
N THR D 59 18.34 0.47 6.87
CA THR D 59 19.79 0.33 6.96
C THR D 59 20.48 1.64 6.55
N ASN D 60 21.71 1.88 7.06
CA ASN D 60 22.49 3.06 6.72
C ASN D 60 23.99 2.75 6.80
N SER D 61 24.71 2.96 5.68
CA SER D 61 26.15 2.69 5.61
C SER D 61 26.99 3.71 6.38
N ILE D 62 26.40 4.89 6.69
CA ILE D 62 27.09 5.96 7.43
C ILE D 62 27.37 5.51 8.88
N GLU D 63 28.67 5.41 9.23
CA GLU D 63 29.09 5.02 10.57
C GLU D 63 29.40 6.25 11.40
N GLU D 64 30.21 7.18 10.84
CA GLU D 64 30.54 8.44 11.50
C GLU D 64 29.83 9.61 10.82
N PRO D 65 28.73 10.12 11.41
CA PRO D 65 27.97 11.19 10.75
C PRO D 65 28.72 12.51 10.68
N SER D 66 28.74 13.13 9.49
CA SER D 66 29.32 14.44 9.24
C SER D 66 28.59 15.10 8.08
N LEU D 67 28.76 16.41 7.90
CA LEU D 67 28.09 17.14 6.84
C LEU D 67 28.54 16.66 5.44
N LEU D 68 29.85 16.47 5.24
CA LEU D 68 30.39 16.01 3.95
C LEU D 68 29.98 14.57 3.66
N GLU D 69 29.91 13.70 4.71
CA GLU D 69 29.49 12.30 4.56
C GLU D 69 28.01 12.22 4.14
N PHE D 70 27.15 13.06 4.76
CA PHE D 70 25.73 13.11 4.42
C PHE D 70 25.52 13.53 2.98
N ILE D 71 26.17 14.63 2.54
CA ILE D 71 26.05 15.15 1.17
C ILE D 71 26.57 14.16 0.13
N ASP D 72 27.65 13.38 0.46
CA ASP D 72 28.23 12.39 -0.47
C ASP D 72 27.26 11.22 -0.76
N LYS D 73 26.31 10.95 0.18
CA LYS D 73 25.35 9.86 0.05
C LYS D 73 23.99 10.36 -0.53
N ALA D 74 23.96 11.58 -1.13
CA ALA D 74 22.72 12.19 -1.67
C ALA D 74 22.24 11.47 -2.94
N ASP D 75 23.16 10.83 -3.67
CA ASP D 75 22.83 10.11 -4.89
C ASP D 75 22.80 8.59 -4.64
N SER D 76 22.70 8.18 -3.37
CA SER D 76 22.69 6.77 -2.97
C SER D 76 21.44 6.05 -3.47
N LEU D 77 21.53 4.73 -3.64
CA LEU D 77 20.37 3.93 -4.02
C LEU D 77 19.46 3.74 -2.79
N ASN D 78 20.01 3.97 -1.58
CA ASN D 78 19.28 3.89 -0.31
C ASN D 78 18.54 5.20 -0.08
N ILE D 79 17.18 5.15 -0.04
CA ILE D 79 16.34 6.34 0.18
C ILE D 79 16.67 7.08 1.51
N ILE D 80 17.01 6.32 2.59
CA ILE D 80 17.38 6.90 3.88
C ILE D 80 18.64 7.78 3.73
N GLU D 81 19.65 7.26 2.99
CA GLU D 81 20.90 7.99 2.75
C GLU D 81 20.67 9.20 1.83
N ARG D 82 19.74 9.07 0.84
CA ARG D 82 19.38 10.18 -0.07
C ARG D 82 18.69 11.30 0.68
N THR D 83 17.64 10.96 1.47
CA THR D 83 16.85 11.94 2.23
C THR D 83 17.74 12.72 3.21
N LEU D 84 18.65 12.03 3.94
CA LEU D 84 19.60 12.69 4.85
C LEU D 84 20.60 13.56 4.08
N GLY D 85 20.96 13.12 2.87
CA GLY D 85 21.86 13.86 1.99
C GLY D 85 21.24 15.11 1.42
N VAL D 86 19.98 15.01 0.94
CA VAL D 86 19.22 16.16 0.41
C VAL D 86 18.92 17.17 1.54
N ALA D 87 18.56 16.67 2.75
CA ALA D 87 18.34 17.55 3.92
C ALA D 87 19.61 18.29 4.29
N ALA D 88 20.80 17.64 4.10
CA ALA D 88 22.11 18.26 4.35
C ALA D 88 22.45 19.28 3.27
N ILE D 89 22.11 18.99 1.98
CA ILE D 89 22.32 19.94 0.87
C ILE D 89 21.46 21.19 1.11
N ASN D 90 20.20 20.98 1.58
CA ASN D 90 19.29 22.07 1.90
C ASN D 90 19.80 22.88 3.11
N ALA D 91 20.43 22.20 4.10
CA ALA D 91 20.99 22.84 5.30
C ALA D 91 22.13 23.79 4.94
N VAL D 92 23.02 23.35 4.02
CA VAL D 92 24.12 24.17 3.51
C VAL D 92 23.55 25.33 2.66
N SER D 93 22.50 25.04 1.88
CA SER D 93 21.83 26.02 1.01
C SER D 93 21.15 27.11 1.83
N GLN D 94 20.44 26.73 2.91
CA GLN D 94 19.71 27.68 3.77
C GLN D 94 20.65 28.64 4.51
N TYR D 95 21.93 28.24 4.68
CA TYR D 95 22.95 29.08 5.30
C TYR D 95 23.42 30.15 4.31
N TYR D 96 23.54 29.79 3.00
CA TYR D 96 24.05 30.69 1.96
C TYR D 96 22.95 31.30 1.07
N ILE D 97 21.67 30.95 1.30
CA ILE D 97 20.55 31.45 0.48
C ILE D 97 20.40 32.98 0.53
N ASP D 98 20.32 33.61 -0.66
CA ASP D 98 20.12 35.05 -0.81
C ASP D 98 18.72 35.28 -1.37
N LEU D 99 17.81 35.81 -0.54
CA LEU D 99 16.42 35.99 -0.93
C LEU D 99 16.09 37.46 -1.25
N ARG D 100 17.07 38.20 -1.82
CA ARG D 100 16.88 39.60 -2.24
C ARG D 100 15.82 39.70 -3.32
N GLU D 101 15.88 38.81 -4.34
CA GLU D 101 14.93 38.83 -5.45
C GLU D 101 13.86 37.73 -5.30
N ALA D 102 13.59 37.31 -4.06
CA ALA D 102 12.58 36.29 -3.77
C ALA D 102 11.19 36.90 -3.73
N LYS D 103 10.23 36.26 -4.41
CA LYS D 103 8.84 36.71 -4.43
C LYS D 103 8.05 36.06 -3.29
N TRP D 104 7.34 36.88 -2.50
CA TRP D 104 6.54 36.39 -1.39
C TRP D 104 5.11 36.10 -1.86
N ILE D 105 4.98 35.16 -2.81
CA ILE D 105 3.69 34.82 -3.44
C ILE D 105 3.40 33.32 -3.35
N ASP D 106 2.18 32.91 -3.76
CA ASP D 106 1.79 31.51 -3.83
C ASP D 106 2.14 30.95 -5.22
N VAL D 107 2.30 29.62 -5.32
CA VAL D 107 2.64 28.96 -6.59
C VAL D 107 1.54 29.20 -7.66
N THR D 108 0.26 29.28 -7.23
CA THR D 108 -0.87 29.49 -8.12
C THR D 108 -0.81 30.82 -8.87
N GLU D 109 -0.42 31.92 -8.19
CA GLU D 109 -0.35 33.25 -8.82
C GLU D 109 0.88 33.43 -9.74
N LEU D 110 1.78 32.43 -9.77
CA LEU D 110 2.95 32.46 -10.62
C LEU D 110 2.59 32.12 -12.10
N ILE D 111 1.37 31.53 -12.32
CA ILE D 111 0.87 31.15 -13.66
C ILE D 111 -0.22 32.12 -14.19
N GLN D 112 -0.02 32.65 -15.43
CA GLN D 112 -1.00 33.55 -16.07
C GLN D 112 -1.75 32.84 -17.22
N GLN D 113 -3.04 33.22 -17.43
CA GLN D 113 -3.93 32.60 -18.44
C GLN D 113 -3.47 32.80 -19.89
N ASP D 114 -2.79 33.93 -20.18
CA ASP D 114 -2.37 34.30 -21.54
C ASP D 114 -1.19 33.45 -22.09
N GLU D 115 -0.54 32.64 -21.23
CA GLU D 115 0.63 31.86 -21.64
C GLU D 115 0.47 30.32 -21.45
N ILE D 116 -0.13 29.88 -20.33
CA ILE D 116 -0.25 28.46 -20.00
C ILE D 116 -1.69 27.94 -20.22
N LYS D 117 -1.83 26.74 -20.82
CA LYS D 117 -3.13 26.11 -21.02
C LYS D 117 -3.23 24.77 -20.26
N ARG D 118 -2.27 23.84 -20.54
CA ARG D 118 -2.22 22.53 -19.87
C ARG D 118 -1.16 22.51 -18.76
N ILE D 119 -1.58 22.15 -17.52
CA ILE D 119 -0.68 22.07 -16.37
C ILE D 119 -0.56 20.63 -15.86
N ALA D 120 0.67 20.18 -15.59
CA ALA D 120 0.90 18.88 -14.97
C ALA D 120 1.31 19.08 -13.52
N ILE D 121 0.50 18.58 -12.58
CA ILE D 121 0.79 18.69 -11.15
C ILE D 121 1.29 17.37 -10.59
N ILE D 122 2.59 17.30 -10.25
CA ILE D 122 3.21 16.09 -9.68
C ILE D 122 3.20 16.19 -8.16
N GLY D 123 2.42 15.32 -7.53
CA GLY D 123 2.18 15.37 -6.10
C GLY D 123 0.87 16.05 -5.80
N ASN D 124 -0.08 15.31 -5.22
CA ASN D 124 -1.42 15.84 -4.95
C ASN D 124 -1.41 16.93 -3.87
N PRO D 126 -3.95 19.54 -2.70
CA PRO D 126 -5.35 20.00 -2.85
C PRO D 126 -5.57 21.52 -3.03
N PRO D 127 -4.94 22.44 -2.21
CA PRO D 127 -5.18 23.88 -2.40
C PRO D 127 -4.74 24.37 -3.80
N VAL D 128 -3.58 23.89 -4.29
CA VAL D 128 -3.04 24.27 -5.60
C VAL D 128 -3.90 23.69 -6.73
N VAL D 129 -4.32 22.41 -6.60
CA VAL D 129 -5.15 21.71 -7.58
C VAL D 129 -6.53 22.40 -7.72
N ARG D 130 -7.21 22.67 -6.58
CA ARG D 130 -8.54 23.30 -6.56
C ARG D 130 -8.55 24.66 -7.26
N THR D 131 -7.47 25.45 -7.07
CA THR D 131 -7.35 26.79 -7.66
C THR D 131 -7.14 26.74 -9.18
N LEU D 132 -6.32 25.79 -9.65
CA LEU D 132 -5.95 25.69 -11.08
C LEU D 132 -6.95 24.88 -11.92
N LYS D 133 -7.64 23.90 -11.31
CA LYS D 133 -8.60 23.03 -12.03
C LYS D 133 -9.79 23.81 -12.61
N GLU D 134 -10.09 25.02 -12.06
CA GLU D 134 -11.23 25.83 -12.50
C GLU D 134 -10.89 26.80 -13.65
N LYS D 135 -9.58 27.04 -13.91
CA LYS D 135 -9.17 27.96 -14.98
C LYS D 135 -8.28 27.31 -16.04
N TYR D 136 -7.63 26.16 -15.72
CA TYR D 136 -6.71 25.48 -16.64
C TYR D 136 -7.02 23.99 -16.77
N GLU D 137 -6.44 23.34 -17.81
CA GLU D 137 -6.56 21.89 -18.00
C GLU D 137 -5.47 21.23 -17.16
N VAL D 138 -5.87 20.63 -16.03
CA VAL D 138 -4.92 20.10 -15.05
C VAL D 138 -4.83 18.56 -15.07
N TYR D 139 -3.60 18.02 -14.94
CA TYR D 139 -3.34 16.59 -14.85
C TYR D 139 -2.55 16.33 -13.56
N VAL D 140 -3.21 15.74 -12.55
CA VAL D 140 -2.56 15.48 -11.25
C VAL D 140 -2.02 14.05 -11.19
N PHE D 141 -0.75 13.91 -10.79
CA PHE D 141 -0.10 12.60 -10.67
C PHE D 141 0.33 12.35 -9.24
N GLU D 142 -0.11 11.24 -8.66
CA GLU D 142 0.25 10.89 -7.30
C GLU D 142 0.79 9.46 -7.22
N ARG D 143 1.93 9.30 -6.55
CA ARG D 143 2.58 8.00 -6.41
C ARG D 143 2.11 7.28 -5.13
N ASN D 144 1.93 8.05 -4.02
CA ASN D 144 1.46 7.51 -2.73
C ASN D 144 -0.05 7.23 -2.77
N LYS D 146 -2.14 6.84 -0.32
CA LYS D 146 -2.86 7.61 0.71
C LYS D 146 -3.42 8.94 0.14
N LEU D 147 -2.62 9.61 -0.73
CA LEU D 147 -2.98 10.92 -1.30
C LEU D 147 -3.62 10.78 -2.70
N TRP D 148 -4.18 9.60 -2.99
CA TRP D 148 -4.80 9.28 -4.28
C TRP D 148 -6.26 9.75 -4.33
N ASP D 149 -6.71 10.24 -5.51
CA ASP D 149 -8.09 10.67 -5.76
C ASP D 149 -8.65 9.95 -6.97
N ARG D 150 -9.98 10.00 -7.16
CA ARG D 150 -10.61 9.43 -8.35
C ARG D 150 -10.33 10.31 -9.58
N ASP D 151 -9.72 11.50 -9.35
CA ASP D 151 -9.36 12.43 -10.41
C ASP D 151 -7.83 12.41 -10.70
N THR D 152 -7.01 11.88 -9.74
CA THR D 152 -5.55 11.79 -9.93
C THR D 152 -5.16 10.61 -10.82
N TYR D 153 -3.99 10.70 -11.50
CA TYR D 153 -3.49 9.64 -12.38
C TYR D 153 -2.25 8.96 -11.80
N SER D 154 -1.84 7.82 -12.41
CA SER D 154 -0.64 7.08 -12.00
C SER D 154 0.63 7.82 -12.44
N ASP D 155 1.72 7.67 -11.67
CA ASP D 155 2.99 8.32 -12.02
C ASP D 155 3.66 7.68 -13.24
N THR D 156 3.15 6.52 -13.70
CA THR D 156 3.64 5.86 -14.91
C THR D 156 3.17 6.60 -16.17
N LEU D 157 2.12 7.46 -16.03
CA LEU D 157 1.57 8.23 -17.14
C LEU D 157 2.25 9.59 -17.30
N GLU D 158 3.14 9.96 -16.34
CA GLU D 158 3.90 11.22 -16.40
C GLU D 158 4.75 11.24 -17.66
N TYR D 159 5.47 10.13 -17.93
CA TYR D 159 6.34 9.98 -19.10
C TYR D 159 5.64 10.34 -20.42
N HIS D 160 4.32 10.08 -20.52
CA HIS D 160 3.56 10.31 -21.74
C HIS D 160 2.80 11.66 -21.75
N ILE D 161 2.44 12.18 -20.56
CA ILE D 161 1.66 13.43 -20.47
C ILE D 161 2.53 14.70 -20.33
N LEU D 162 3.68 14.59 -19.61
CA LEU D 162 4.61 15.73 -19.43
C LEU D 162 5.03 16.44 -20.76
N PRO D 163 5.28 15.69 -21.89
CA PRO D 163 5.65 16.38 -23.14
C PRO D 163 4.52 17.21 -23.76
N GLU D 164 3.28 17.08 -23.23
CA GLU D 164 2.10 17.76 -23.79
C GLU D 164 1.66 19.01 -22.97
N VAL D 165 2.28 19.23 -21.80
CA VAL D 165 1.88 20.33 -20.91
C VAL D 165 2.74 21.57 -21.08
N ASP D 166 2.16 22.75 -20.80
CA ASP D 166 2.84 24.04 -20.90
C ASP D 166 3.53 24.37 -19.59
N GLY D 167 2.93 23.97 -18.48
CA GLY D 167 3.46 24.25 -17.16
C GLY D 167 3.52 23.02 -16.28
N ILE D 168 4.51 22.99 -15.36
CA ILE D 168 4.68 21.87 -14.42
C ILE D 168 4.85 22.36 -12.99
N ILE D 169 4.02 21.86 -12.06
CA ILE D 169 4.17 22.13 -10.63
C ILE D 169 4.49 20.83 -9.92
N ALA D 170 5.78 20.56 -9.70
CA ALA D 170 6.22 19.30 -9.14
C ALA D 170 6.57 19.45 -7.68
N SER D 171 6.07 18.53 -6.84
CA SER D 171 6.39 18.50 -5.43
C SER D 171 7.89 18.31 -5.27
N ALA D 172 8.53 19.10 -4.39
CA ALA D 172 9.97 19.05 -4.18
C ALA D 172 10.46 17.68 -3.72
N SER D 173 9.51 16.77 -3.38
CA SER D 173 9.82 15.40 -3.01
C SER D 173 10.33 14.59 -4.22
N CYS D 174 10.20 15.14 -5.44
CA CYS D 174 10.70 14.48 -6.64
C CYS D 174 12.24 14.48 -6.66
N ILE D 175 12.86 15.34 -5.82
CA ILE D 175 14.31 15.40 -5.66
C ILE D 175 14.81 14.21 -4.85
N VAL D 176 14.05 13.79 -3.79
CA VAL D 176 14.44 12.68 -2.91
C VAL D 176 14.18 11.27 -3.52
N ASN D 177 12.99 11.06 -4.14
CA ASN D 177 12.68 9.75 -4.74
C ASN D 177 13.49 9.49 -6.04
N GLY D 178 13.93 10.57 -6.70
CA GLY D 178 14.80 10.48 -7.89
C GLY D 178 14.08 10.62 -9.22
N THR D 179 12.89 11.23 -9.21
CA THR D 179 12.06 11.39 -10.42
C THR D 179 12.33 12.72 -11.16
N LEU D 180 13.08 13.65 -10.54
CA LEU D 180 13.34 14.98 -11.11
C LEU D 180 14.01 14.91 -12.49
N ASP D 181 15.01 14.02 -12.65
CA ASP D 181 15.73 13.86 -13.92
C ASP D 181 14.79 13.49 -15.07
N ILE D 183 11.30 13.95 -15.07
CA ILE D 183 10.33 15.05 -15.21
C ILE D 183 10.87 16.14 -16.14
N LEU D 184 12.14 16.54 -15.94
CA LEU D 184 12.76 17.58 -16.76
C LEU D 184 13.02 17.10 -18.19
N ASP D 185 13.45 15.83 -18.35
CA ASP D 185 13.70 15.25 -19.67
C ASP D 185 12.40 15.16 -20.50
N ARG D 186 11.26 14.88 -19.81
CA ARG D 186 9.96 14.75 -20.45
C ARG D 186 9.23 16.08 -20.59
N ALA D 187 9.78 17.16 -19.99
CA ALA D 187 9.21 18.51 -20.14
C ALA D 187 9.69 19.12 -21.47
N LYS D 188 9.18 18.58 -22.60
CA LYS D 188 9.59 19.00 -23.95
C LYS D 188 9.06 20.39 -24.33
N LYS D 189 7.80 20.70 -23.95
CA LYS D 189 7.09 21.91 -24.37
C LYS D 189 6.82 22.88 -23.15
N ALA D 190 7.23 22.47 -21.93
CA ALA D 190 7.00 23.27 -20.72
C ALA D 190 7.78 24.61 -20.71
N LYS D 191 7.05 25.73 -20.52
CA LYS D 191 7.63 27.06 -20.41
C LYS D 191 7.84 27.44 -18.94
N LEU D 192 7.15 26.73 -18.02
CA LEU D 192 7.25 27.00 -16.60
C LEU D 192 7.35 25.70 -15.79
N ILE D 193 8.44 25.54 -15.04
CA ILE D 193 8.63 24.36 -14.19
C ILE D 193 8.93 24.80 -12.75
N VAL D 194 7.97 24.57 -11.84
CA VAL D 194 8.10 24.98 -10.46
C VAL D 194 8.29 23.77 -9.54
N ILE D 195 9.38 23.77 -8.75
CA ILE D 195 9.64 22.73 -7.75
C ILE D 195 9.22 23.27 -6.39
N THR D 196 8.04 22.84 -5.89
CA THR D 196 7.45 23.41 -4.68
C THR D 196 7.51 22.49 -3.46
N GLY D 197 7.76 23.08 -2.28
CA GLY D 197 7.81 22.35 -1.02
C GLY D 197 9.07 22.60 -0.20
N PRO D 198 9.05 22.25 1.11
CA PRO D 198 10.25 22.46 1.95
C PRO D 198 11.51 21.71 1.49
N THR D 199 11.35 20.63 0.68
CA THR D 199 12.50 19.88 0.15
C THR D 199 13.23 20.69 -0.95
N GLY D 200 12.58 21.75 -1.44
CA GLY D 200 13.15 22.65 -2.45
C GLY D 200 13.95 23.79 -1.86
N GLN D 201 14.51 23.59 -0.63
CA GLN D 201 15.31 24.60 0.08
C GLN D 201 16.68 24.82 -0.58
N LEU D 202 17.09 23.91 -1.49
CA LEU D 202 18.39 23.99 -2.17
C LEU D 202 18.63 25.34 -2.88
N LEU D 203 19.91 25.68 -3.15
CA LEU D 203 20.27 26.93 -3.83
C LEU D 203 19.81 26.92 -5.27
N PRO D 204 19.27 28.06 -5.80
CA PRO D 204 18.84 28.10 -7.20
C PRO D 204 19.98 27.87 -8.19
N GLU D 205 21.22 28.26 -7.79
CA GLU D 205 22.41 28.11 -8.64
C GLU D 205 22.72 26.65 -8.96
N PHE D 206 22.24 25.70 -8.10
CA PHE D 206 22.44 24.27 -8.30
C PHE D 206 21.61 23.77 -9.49
N LEU D 207 20.49 24.45 -9.79
CA LEU D 207 19.61 24.07 -10.88
C LEU D 207 19.81 24.95 -12.14
N LYS D 208 20.91 25.75 -12.17
CA LYS D 208 21.25 26.56 -13.34
C LYS D 208 21.56 25.66 -14.53
N GLY D 209 20.95 25.98 -15.67
CA GLY D 209 21.11 25.19 -16.88
C GLY D 209 19.98 24.20 -17.11
N THR D 210 19.33 23.76 -16.01
CA THR D 210 18.20 22.82 -16.11
C THR D 210 16.94 23.54 -16.60
N LYS D 211 15.87 22.78 -16.87
CA LYS D 211 14.61 23.35 -17.34
C LYS D 211 13.80 23.99 -16.19
N VAL D 212 14.22 23.76 -14.92
CA VAL D 212 13.55 24.33 -13.73
C VAL D 212 13.59 25.86 -13.82
N THR D 213 12.40 26.51 -13.70
CA THR D 213 12.31 27.97 -13.81
C THR D 213 12.23 28.64 -12.44
N HIS D 214 11.51 28.03 -11.49
CA HIS D 214 11.32 28.61 -10.16
C HIS D 214 11.48 27.58 -9.07
N LEU D 215 11.85 28.04 -7.86
CA LEU D 215 11.91 27.21 -6.66
C LEU D 215 10.99 27.81 -5.59
N ALA D 216 9.91 27.10 -5.26
CA ALA D 216 8.98 27.56 -4.23
C ALA D 216 9.18 26.76 -2.96
N SER D 217 9.86 27.33 -1.98
CA SER D 217 10.15 26.64 -0.73
C SER D 217 9.90 27.56 0.48
N LYS D 219 12.04 29.28 4.35
CA LYS D 219 13.21 29.40 5.21
C LYS D 219 12.79 29.45 6.68
N VAL D 220 13.44 28.63 7.51
CA VAL D 220 13.16 28.58 8.95
C VAL D 220 13.59 29.90 9.63
N THR D 221 12.62 30.62 10.25
CA THR D 221 12.89 31.89 10.94
C THR D 221 13.29 31.66 12.42
N ASN D 222 12.72 30.62 13.06
CA ASN D 222 13.07 30.25 14.43
C ASN D 222 13.46 28.77 14.46
N ILE D 223 14.77 28.50 14.47
CA ILE D 223 15.30 27.12 14.42
C ILE D 223 14.85 26.28 15.64
N GLU D 224 14.94 26.85 16.85
CA GLU D 224 14.58 26.14 18.09
C GLU D 224 13.11 25.72 18.12
N LYS D 225 12.19 26.66 17.80
CA LYS D 225 10.74 26.37 17.80
C LYS D 225 10.36 25.39 16.69
N ALA D 226 11.00 25.50 15.50
CA ALA D 226 10.72 24.59 14.38
C ALA D 226 11.20 23.18 14.67
N LEU D 227 12.38 23.05 15.33
CA LEU D 227 12.92 21.73 15.71
C LEU D 227 12.00 21.01 16.67
N VAL D 228 11.40 21.75 17.62
CA VAL D 228 10.42 21.21 18.56
C VAL D 228 9.23 20.64 17.78
N LYS D 229 8.78 21.37 16.75
CA LYS D 229 7.63 21.00 15.91
C LYS D 229 7.97 19.88 14.92
N LEU D 230 9.24 19.81 14.46
CA LEU D 230 9.68 18.72 13.57
C LEU D 230 9.80 17.41 14.36
N LYS D 231 10.33 17.50 15.61
CA LYS D 231 10.46 16.35 16.50
C LYS D 231 9.09 15.84 16.97
N LEU D 232 8.09 16.74 17.06
CA LEU D 232 6.73 16.38 17.48
C LEU D 232 5.91 15.80 16.32
N GLY D 233 6.41 15.94 15.10
CA GLY D 233 5.75 15.42 13.91
C GLY D 233 4.61 16.28 13.42
N SER D 234 4.70 17.61 13.66
CA SER D 234 3.69 18.59 13.22
C SER D 234 4.19 19.38 12.01
N PHE D 235 3.53 19.23 10.85
CA PHE D 235 3.92 19.99 9.65
C PHE D 235 3.55 21.46 9.78
N LYS D 236 2.31 21.76 10.19
CA LYS D 236 1.81 23.12 10.33
C LYS D 236 2.59 23.92 11.39
N GLY D 237 3.01 23.24 12.46
CA GLY D 237 3.81 23.85 13.52
C GLY D 237 5.18 24.26 13.04
N PHE D 238 5.79 23.43 12.17
CA PHE D 238 7.08 23.73 11.54
C PHE D 238 6.92 24.79 10.46
N GLU D 239 5.78 24.75 9.72
CA GLU D 239 5.47 25.71 8.65
C GLU D 239 5.26 27.13 9.21
N SER D 240 4.67 27.23 10.42
CA SER D 240 4.41 28.52 11.07
C SER D 240 5.70 29.19 11.58
N GLU D 241 6.80 28.40 11.72
CA GLU D 241 8.09 28.92 12.16
C GLU D 241 9.00 29.20 10.96
N SER D 242 8.40 29.32 9.77
CA SER D 242 9.14 29.55 8.53
C SER D 242 8.46 30.60 7.66
N ILE D 243 9.17 31.10 6.62
CA ILE D 243 8.60 32.05 5.66
C ILE D 243 8.68 31.48 4.26
N LYS D 244 7.52 31.40 3.57
CA LYS D 244 7.46 30.87 2.21
C LYS D 244 8.04 31.86 1.20
N TYR D 245 8.82 31.36 0.23
CA TYR D 245 9.43 32.21 -0.80
C TYR D 245 9.35 31.56 -2.17
N VAL D 246 9.39 32.38 -3.23
CA VAL D 246 9.47 31.91 -4.61
C VAL D 246 10.67 32.58 -5.26
N ILE D 247 11.73 31.81 -5.51
CA ILE D 247 12.95 32.36 -6.10
C ILE D 247 13.14 31.81 -7.53
N GLU D 248 13.47 32.71 -8.48
CA GLU D 248 13.63 32.33 -9.88
C GLU D 248 15.01 31.70 -10.15
N VAL D 249 15.02 30.55 -10.83
CA VAL D 249 16.26 29.83 -11.16
C VAL D 249 16.91 30.44 -12.42
#